data_8ZI8
#
_entry.id   8ZI8
#
_cell.length_a   86.549
_cell.length_b   94.717
_cell.length_c   166.714
_cell.angle_alpha   90
_cell.angle_beta   90
_cell.angle_gamma   90
#
_symmetry.space_group_name_H-M   'P 2 21 21'
#
loop_
_entity.id
_entity.type
_entity.pdbx_description
1 polymer '4-hydroxythreonine-4-phosphate dehydrogenase'
2 non-polymer 'CARBON DIOXIDE'
3 non-polymer '2,5-dihydroxybenzoic acid'
4 non-polymer 'ZINC ION'
5 non-polymer 1,2-ETHANEDIOL
6 non-polymer 'CHLORIDE ION'
7 water water
#
_entity_poly.entity_id   1
_entity_poly.type   'polypeptide(L)'
_entity_poly.pdbx_seq_one_letter_code
;MGSSHHHHHHSSGLVPRGSHMTIVHRRLALAIGDPHGIGPEIALKALQQLSATERSLIKVYGPWSALEQAAQICQMESLL
QDLIHEEAGSLAQPVQCGEITPQAGLSTVQSATAAIRACESGEVDAVIACPHHETAIHRAGIAFSGYPSLLANVLGMNED
EVFLMLVGAGLRIVHVTLHESVRSALERLSPQLVINAVDAAVQTCTLLGVPKPQVAVFGINPHASEGQLFGLEDSQITVP
AVETLRKRGLTVDGPMGADMVLAQRKHDLYVAMLHDQGHIPIKLLAPNGASALSIGGRVVLSSVGHGSAMDIAGRGVADA
TALLRTIALLGAQPV
;
_entity_poly.pdbx_strand_id   A,B,C,D
#
loop_
_chem_comp.id
_chem_comp.type
_chem_comp.name
_chem_comp.formula
CL non-polymer 'CHLORIDE ION' 'Cl -1'
CO2 non-polymer 'CARBON DIOXIDE' 'C O2'
EDO non-polymer 1,2-ETHANEDIOL 'C2 H6 O2'
GTQ non-polymer '2,5-dihydroxybenzoic acid' 'C7 H6 O4'
ZN non-polymer 'ZINC ION' 'Zn 2'
#
# COMPACT_ATOMS: atom_id res chain seq x y z
N MET A 21 -43.92 -23.27 12.36
CA MET A 21 -44.38 -21.87 12.18
C MET A 21 -43.36 -21.08 11.34
N THR A 22 -43.88 -20.46 10.26
CA THR A 22 -43.10 -19.69 9.31
C THR A 22 -42.72 -18.34 9.91
N ILE A 23 -41.48 -17.90 9.66
CA ILE A 23 -41.06 -16.57 10.09
C ILE A 23 -40.51 -15.74 8.93
N VAL A 24 -40.15 -16.37 7.80
CA VAL A 24 -39.55 -15.68 6.67
C VAL A 24 -40.62 -15.48 5.60
N HIS A 25 -41.08 -14.25 5.43
CA HIS A 25 -42.13 -13.97 4.47
C HIS A 25 -41.61 -13.01 3.40
N ARG A 26 -40.28 -12.94 3.24
CA ARG A 26 -39.70 -12.20 2.11
C ARG A 26 -38.25 -12.61 1.88
N ARG A 27 -37.66 -12.07 0.79
CA ARG A 27 -36.30 -12.40 0.41
C ARG A 27 -35.32 -11.54 1.21
N LEU A 28 -34.39 -12.22 1.89
CA LEU A 28 -33.38 -11.56 2.69
C LEU A 28 -31.98 -11.92 2.20
N ALA A 29 -31.05 -10.99 2.38
CA ALA A 29 -29.63 -11.24 2.18
C ALA A 29 -28.97 -11.39 3.55
N LEU A 30 -28.19 -12.47 3.73
CA LEU A 30 -27.47 -12.68 4.97
C LEU A 30 -25.97 -12.61 4.72
N ALA A 31 -25.37 -11.47 5.07
CA ALA A 31 -23.92 -11.29 5.06
C ALA A 31 -23.33 -11.91 6.31
N ILE A 32 -22.31 -12.76 6.15
CA ILE A 32 -21.92 -13.65 7.24
C ILE A 32 -20.94 -12.98 8.19
N GLY A 33 -20.58 -11.71 7.96
CA GLY A 33 -19.74 -11.00 8.91
C GLY A 33 -18.28 -11.42 8.86
N ASP A 34 -17.57 -11.18 9.96
CA ASP A 34 -16.17 -11.55 10.06
C ASP A 34 -16.04 -13.07 9.97
N PRO A 35 -15.34 -13.59 8.94
CA PRO A 35 -15.30 -15.03 8.68
C PRO A 35 -14.49 -15.83 9.69
N HIS A 36 -13.67 -15.13 10.49
CA HIS A 36 -12.98 -15.75 11.61
C HIS A 36 -13.85 -15.78 12.88
N GLY A 37 -14.99 -15.07 12.88
CA GLY A 37 -15.82 -15.00 14.06
C GLY A 37 -16.92 -16.07 14.07
N ILE A 38 -17.98 -15.81 14.84
CA ILE A 38 -19.10 -16.71 14.98
C ILE A 38 -20.14 -16.46 13.89
N GLY A 39 -19.99 -15.37 13.12
CA GLY A 39 -20.91 -15.04 12.05
C GLY A 39 -21.30 -16.25 11.20
N PRO A 40 -20.32 -16.95 10.59
CA PRO A 40 -20.60 -18.13 9.76
C PRO A 40 -21.38 -19.21 10.49
N GLU A 41 -20.97 -19.47 11.74
CA GLU A 41 -21.57 -20.49 12.58
C GLU A 41 -23.04 -20.18 12.85
N ILE A 42 -23.34 -18.97 13.34
CA ILE A 42 -24.71 -18.60 13.65
C ILE A 42 -25.56 -18.57 12.38
N ALA A 43 -24.93 -18.23 11.24
CA ALA A 43 -25.65 -18.25 9.98
C ALA A 43 -26.18 -19.65 9.70
N LEU A 44 -25.31 -20.66 9.82
CA LEU A 44 -25.70 -22.03 9.52
C LEU A 44 -26.72 -22.53 10.53
N LYS A 45 -26.48 -22.20 11.81
CA LYS A 45 -27.33 -22.66 12.88
C LYS A 45 -28.74 -22.10 12.70
N ALA A 46 -28.85 -20.83 12.32
CA ALA A 46 -30.14 -20.18 12.11
C ALA A 46 -30.88 -20.80 10.93
N LEU A 47 -30.18 -20.91 9.79
CA LEU A 47 -30.76 -21.46 8.57
C LEU A 47 -31.23 -22.90 8.79
N GLN A 48 -30.50 -23.66 9.60
CA GLN A 48 -30.85 -25.04 9.85
C GLN A 48 -32.24 -25.14 10.48
N GLN A 49 -32.57 -24.20 11.37
CA GLN A 49 -33.82 -24.22 12.10
C GLN A 49 -35.00 -23.83 11.22
N LEU A 50 -34.73 -23.17 10.09
CA LEU A 50 -35.78 -22.79 9.15
C LEU A 50 -36.15 -23.99 8.28
N SER A 51 -37.33 -23.95 7.67
CA SER A 51 -37.75 -24.94 6.69
C SER A 51 -37.01 -24.71 5.36
N ALA A 52 -37.14 -25.68 4.44
CA ALA A 52 -36.54 -25.60 3.12
C ALA A 52 -37.03 -24.37 2.37
N THR A 53 -38.34 -24.16 2.37
CA THR A 53 -38.96 -23.02 1.71
C THR A 53 -38.35 -21.73 2.26
N GLU A 54 -38.19 -21.64 3.58
CA GLU A 54 -37.66 -20.44 4.20
C GLU A 54 -36.23 -20.19 3.76
N ARG A 55 -35.46 -21.28 3.61
CA ARG A 55 -34.05 -21.20 3.26
C ARG A 55 -33.88 -20.70 1.84
N SER A 56 -34.86 -21.01 0.98
CA SER A 56 -34.78 -20.60 -0.40
C SER A 56 -35.01 -19.09 -0.53
N LEU A 57 -35.46 -18.43 0.56
CA LEU A 57 -35.67 -16.99 0.55
C LEU A 57 -34.45 -16.23 1.08
N ILE A 58 -33.43 -16.94 1.60
CA ILE A 58 -32.29 -16.27 2.20
C ILE A 58 -31.04 -16.54 1.37
N LYS A 59 -30.51 -15.49 0.73
CA LYS A 59 -29.28 -15.58 -0.04
C LYS A 59 -28.10 -15.17 0.85
N VAL A 60 -27.15 -16.09 1.00
CA VAL A 60 -26.02 -15.93 1.91
C VAL A 60 -24.86 -15.32 1.14
N TYR A 61 -24.30 -14.21 1.67
CA TYR A 61 -23.16 -13.56 1.06
C TYR A 61 -21.96 -13.73 2.00
N GLY A 62 -20.84 -14.20 1.44
CA GLY A 62 -19.62 -14.40 2.19
C GLY A 62 -18.75 -15.50 1.57
N PRO A 63 -17.50 -15.67 2.06
CA PRO A 63 -16.59 -16.69 1.51
C PRO A 63 -17.05 -18.10 1.84
N TRP A 64 -17.02 -18.98 0.83
CA TRP A 64 -17.49 -20.35 1.01
C TRP A 64 -16.63 -21.13 2.01
N SER A 65 -15.34 -20.83 2.08
CA SER A 65 -14.45 -21.55 2.97
C SER A 65 -14.90 -21.38 4.43
N ALA A 66 -15.22 -20.13 4.80
CA ALA A 66 -15.74 -19.84 6.14
C ALA A 66 -16.96 -20.72 6.46
N LEU A 67 -17.84 -20.90 5.47
CA LEU A 67 -19.05 -21.67 5.67
C LEU A 67 -18.75 -23.17 5.74
N GLU A 68 -17.73 -23.64 5.02
CA GLU A 68 -17.31 -25.03 5.09
C GLU A 68 -16.74 -25.32 6.47
N GLN A 69 -15.90 -24.39 6.94
CA GLN A 69 -15.33 -24.45 8.27
C GLN A 69 -16.43 -24.60 9.32
N ALA A 70 -17.44 -23.73 9.27
CA ALA A 70 -18.48 -23.74 10.27
C ALA A 70 -19.32 -25.01 10.18
N ALA A 71 -19.50 -25.53 8.97
CA ALA A 71 -20.26 -26.75 8.76
C ALA A 71 -19.61 -27.94 9.48
N GLN A 72 -18.27 -28.01 9.40
CA GLN A 72 -17.52 -29.14 9.90
C GLN A 72 -17.50 -29.13 11.42
N ILE A 73 -17.47 -27.94 12.02
CA ILE A 73 -17.50 -27.79 13.46
C ILE A 73 -18.90 -28.10 13.98
N CYS A 74 -19.94 -27.76 13.20
CA CYS A 74 -21.32 -27.79 13.65
C CYS A 74 -22.08 -29.00 13.15
N GLN A 75 -21.41 -29.88 12.37
CA GLN A 75 -22.04 -31.08 11.80
C GLN A 75 -23.26 -30.67 10.97
N MET A 76 -23.08 -29.76 10.00
CA MET A 76 -24.18 -29.30 9.19
C MET A 76 -23.78 -29.30 7.72
N GLU A 77 -23.00 -30.30 7.29
CA GLU A 77 -22.59 -30.41 5.90
C GLU A 77 -23.81 -30.59 5.00
N SER A 78 -24.81 -31.37 5.46
CA SER A 78 -26.00 -31.63 4.67
C SER A 78 -26.60 -30.31 4.16
N LEU A 79 -26.54 -29.28 5.01
CA LEU A 79 -27.22 -28.02 4.78
C LEU A 79 -26.61 -27.22 3.65
N LEU A 80 -25.30 -27.37 3.40
CA LEU A 80 -24.60 -26.49 2.47
C LEU A 80 -25.18 -26.62 1.06
N GLN A 81 -25.65 -27.83 0.72
CA GLN A 81 -26.24 -28.11 -0.58
C GLN A 81 -27.43 -27.21 -0.83
N ASP A 82 -28.32 -27.11 0.17
CA ASP A 82 -29.64 -26.49 0.01
C ASP A 82 -29.56 -24.98 0.32
N LEU A 83 -28.35 -24.41 0.17
CA LEU A 83 -28.07 -23.06 0.59
C LEU A 83 -27.93 -22.20 -0.67
N ILE A 84 -28.74 -21.15 -0.82
CA ILE A 84 -28.49 -20.18 -1.87
C ILE A 84 -27.33 -19.29 -1.41
N HIS A 85 -26.33 -19.14 -2.27
CA HIS A 85 -25.06 -18.57 -1.87
C HIS A 85 -24.44 -17.78 -3.03
N GLU A 86 -23.82 -16.66 -2.68
CA GLU A 86 -23.01 -15.88 -3.61
C GLU A 86 -21.67 -15.64 -2.93
N GLU A 87 -20.60 -16.05 -3.59
CA GLU A 87 -19.27 -15.83 -3.09
C GLU A 87 -19.03 -14.32 -2.97
N ALA A 88 -18.64 -13.89 -1.77
CA ALA A 88 -18.19 -12.52 -1.53
C ALA A 88 -17.11 -12.57 -0.46
N GLY A 89 -16.23 -11.57 -0.47
CA GLY A 89 -15.18 -11.48 0.54
C GLY A 89 -14.36 -12.74 0.61
N SER A 90 -13.99 -13.28 -0.55
CA SER A 90 -13.15 -14.47 -0.63
C SER A 90 -11.85 -14.24 0.13
N LEU A 91 -11.29 -15.33 0.66
CA LEU A 91 -10.05 -15.29 1.43
C LEU A 91 -8.91 -15.84 0.58
N ALA A 92 -7.72 -15.25 0.73
CA ALA A 92 -6.54 -15.68 0.00
C ALA A 92 -5.78 -16.75 0.79
N GLN A 93 -6.29 -17.10 1.99
CA GLN A 93 -5.59 -18.02 2.86
C GLN A 93 -6.63 -18.79 3.67
N PRO A 94 -6.29 -19.97 4.22
CA PRO A 94 -7.19 -20.71 5.12
C PRO A 94 -7.79 -19.87 6.25
N VAL A 95 -8.95 -20.30 6.74
CA VAL A 95 -9.66 -19.64 7.82
C VAL A 95 -8.96 -19.94 9.14
N GLN A 96 -8.70 -18.88 9.90
CA GLN A 96 -8.15 -18.98 11.25
C GLN A 96 -9.20 -18.51 12.25
N CYS A 97 -10.06 -19.43 12.70
CA CYS A 97 -11.04 -19.10 13.73
C CYS A 97 -10.36 -18.38 14.90
N GLY A 98 -10.94 -17.24 15.30
CA GLY A 98 -10.56 -16.60 16.55
C GLY A 98 -9.43 -15.57 16.39
N GLU A 99 -8.93 -15.38 15.17
CA GLU A 99 -7.83 -14.46 14.93
C GLU A 99 -8.35 -13.19 14.26
N ILE A 100 -7.85 -12.04 14.70
CA ILE A 100 -8.14 -10.76 14.07
C ILE A 100 -7.14 -10.53 12.95
N THR A 101 -7.61 -10.47 11.70
CA THR A 101 -6.74 -10.17 10.56
C THR A 101 -7.40 -9.14 9.66
N PRO A 102 -6.61 -8.30 8.96
CA PRO A 102 -7.16 -7.39 7.95
C PRO A 102 -7.89 -8.13 6.84
N GLN A 103 -7.46 -9.36 6.55
CA GLN A 103 -8.10 -10.17 5.53
C GLN A 103 -9.56 -10.41 5.91
N ALA A 104 -9.78 -10.76 7.18
CA ALA A 104 -11.13 -10.97 7.68
C ALA A 104 -11.92 -9.66 7.65
N GLY A 105 -11.23 -8.56 7.93
CA GLY A 105 -11.85 -7.23 7.93
C GLY A 105 -12.41 -6.86 6.55
N LEU A 106 -11.61 -7.11 5.50
CA LEU A 106 -12.03 -6.83 4.15
C LEU A 106 -13.19 -7.75 3.72
N SER A 107 -13.03 -9.05 4.00
CA SER A 107 -14.06 -10.03 3.73
C SER A 107 -15.41 -9.54 4.24
N THR A 108 -15.41 -9.05 5.48
CA THR A 108 -16.58 -8.54 6.17
C THR A 108 -17.26 -7.47 5.34
N VAL A 109 -16.48 -6.51 4.87
CA VAL A 109 -17.02 -5.34 4.23
C VAL A 109 -17.49 -5.70 2.83
N GLN A 110 -16.81 -6.64 2.18
CA GLN A 110 -17.16 -7.08 0.83
C GLN A 110 -18.45 -7.87 0.85
N SER A 111 -18.60 -8.76 1.84
CA SER A 111 -19.83 -9.53 2.00
C SER A 111 -21.02 -8.60 2.22
N ALA A 112 -20.87 -7.62 3.12
CA ALA A 112 -21.95 -6.72 3.47
C ALA A 112 -22.30 -5.83 2.27
N THR A 113 -21.26 -5.38 1.55
CA THR A 113 -21.41 -4.57 0.36
C THR A 113 -22.18 -5.34 -0.72
N ALA A 114 -21.95 -6.65 -0.83
CA ALA A 114 -22.65 -7.45 -1.83
C ALA A 114 -24.11 -7.55 -1.43
N ALA A 115 -24.34 -7.86 -0.16
CA ALA A 115 -25.71 -7.98 0.36
C ALA A 115 -26.49 -6.69 0.10
N ILE A 116 -25.87 -5.53 0.37
CA ILE A 116 -26.50 -4.23 0.23
C ILE A 116 -26.83 -3.98 -1.24
N ARG A 117 -25.91 -4.33 -2.15
CA ARG A 117 -26.09 -4.08 -3.56
C ARG A 117 -27.25 -4.91 -4.09
N ALA A 118 -27.38 -6.13 -3.55
CA ALA A 118 -28.49 -7.01 -3.92
C ALA A 118 -29.81 -6.40 -3.47
N CYS A 119 -29.83 -5.74 -2.29
CA CYS A 119 -31.04 -5.11 -1.79
C CYS A 119 -31.33 -3.85 -2.63
N GLU A 120 -30.30 -3.00 -2.86
CA GLU A 120 -30.47 -1.81 -3.68
C GLU A 120 -31.12 -2.17 -5.02
N SER A 121 -30.66 -3.28 -5.63
CA SER A 121 -31.08 -3.61 -6.98
C SER A 121 -32.47 -4.24 -7.00
N GLY A 122 -32.98 -4.65 -5.83
CA GLY A 122 -34.32 -5.23 -5.76
C GLY A 122 -34.32 -6.76 -5.70
N GLU A 123 -33.15 -7.38 -5.71
CA GLU A 123 -33.04 -8.82 -5.71
C GLU A 123 -33.43 -9.39 -4.33
N VAL A 124 -33.24 -8.62 -3.26
CA VAL A 124 -33.77 -8.94 -1.95
C VAL A 124 -34.42 -7.70 -1.33
N ASP A 125 -35.19 -7.90 -0.27
CA ASP A 125 -35.98 -6.86 0.37
C ASP A 125 -35.31 -6.27 1.60
N ALA A 126 -34.34 -7.00 2.18
CA ALA A 126 -33.61 -6.47 3.33
C ALA A 126 -32.30 -7.25 3.50
N VAL A 127 -31.44 -6.69 4.35
CA VAL A 127 -30.12 -7.25 4.62
C VAL A 127 -29.96 -7.47 6.12
N ILE A 128 -29.39 -8.63 6.47
CA ILE A 128 -28.95 -8.91 7.83
C ILE A 128 -27.45 -9.13 7.80
N ALA A 129 -26.71 -8.33 8.56
CA ALA A 129 -25.26 -8.41 8.63
C ALA A 129 -24.87 -9.08 9.95
N CYS A 130 -24.17 -10.20 9.83
CA CYS A 130 -23.66 -10.90 11.00
C CYS A 130 -22.51 -10.09 11.58
N PRO A 131 -22.03 -10.43 12.80
CA PRO A 131 -21.04 -9.60 13.49
C PRO A 131 -19.71 -9.43 12.78
N HIS A 132 -19.22 -8.20 12.81
CA HIS A 132 -17.92 -7.78 12.32
C HIS A 132 -16.95 -7.63 13.49
N HIS A 133 -15.70 -7.28 13.20
CA HIS A 133 -14.73 -6.88 14.20
C HIS A 133 -14.10 -5.57 13.75
N GLU A 134 -14.30 -4.49 14.52
CA GLU A 134 -13.86 -3.15 14.13
C GLU A 134 -12.36 -3.13 13.89
N THR A 135 -11.60 -3.84 14.74
CA THR A 135 -10.15 -3.85 14.63
C THR A 135 -9.76 -4.48 13.30
N ALA A 136 -10.36 -5.63 13.00
CA ALA A 136 -10.14 -6.33 11.75
C ALA A 136 -10.34 -5.39 10.57
N ILE A 137 -11.48 -4.70 10.55
CA ILE A 137 -11.82 -3.81 9.44
C ILE A 137 -10.83 -2.65 9.42
N HIS A 138 -10.47 -2.13 10.60
CA HIS A 138 -9.55 -1.01 10.70
C HIS A 138 -8.17 -1.41 10.16
N ARG A 139 -7.72 -2.61 10.52
CA ARG A 139 -6.38 -3.03 10.13
C ARG A 139 -6.26 -3.16 8.62
N ALA A 140 -7.40 -3.38 7.94
CA ALA A 140 -7.44 -3.47 6.49
C ALA A 140 -7.37 -2.08 5.86
N GLY A 141 -7.33 -1.03 6.68
CA GLY A 141 -7.20 0.33 6.16
C GLY A 141 -8.55 0.94 5.75
N ILE A 142 -9.64 0.36 6.27
CA ILE A 142 -10.97 0.75 5.91
C ILE A 142 -11.59 1.53 7.07
N ALA A 143 -12.04 2.75 6.76
CA ALA A 143 -12.76 3.59 7.70
C ALA A 143 -14.17 3.03 7.91
N PHE A 144 -14.57 2.92 9.18
CA PHE A 144 -15.84 2.30 9.51
C PHE A 144 -16.29 2.83 10.87
N SER A 145 -17.34 3.65 10.84
CA SER A 145 -17.97 4.22 12.03
C SER A 145 -19.27 3.49 12.35
N GLY A 146 -19.68 2.55 11.50
CA GLY A 146 -20.90 1.79 11.73
C GLY A 146 -21.52 1.33 10.42
N TYR A 147 -22.71 0.71 10.49
CA TYR A 147 -23.42 0.28 9.30
C TYR A 147 -24.09 1.48 8.66
N PRO A 148 -24.50 2.54 9.39
CA PRO A 148 -24.96 3.78 8.75
C PRO A 148 -23.99 4.34 7.72
N SER A 149 -22.73 4.54 8.12
CA SER A 149 -21.68 5.04 7.25
C SER A 149 -21.50 4.13 6.04
N LEU A 150 -21.30 2.83 6.31
CA LEU A 150 -21.03 1.85 5.26
C LEU A 150 -22.15 1.93 4.21
N LEU A 151 -23.39 1.98 4.70
CA LEU A 151 -24.54 1.97 3.83
C LEU A 151 -24.55 3.23 2.97
N ALA A 152 -24.11 4.34 3.56
CA ALA A 152 -24.02 5.63 2.87
C ALA A 152 -23.06 5.55 1.69
N ASN A 153 -21.83 5.09 1.96
CA ASN A 153 -20.79 4.91 0.95
C ASN A 153 -21.32 4.11 -0.24
N VAL A 154 -21.84 2.92 0.07
CA VAL A 154 -22.17 1.96 -0.97
C VAL A 154 -23.20 2.58 -1.91
N LEU A 155 -24.21 3.23 -1.33
CA LEU A 155 -25.29 3.80 -2.11
C LEU A 155 -24.92 5.19 -2.64
N GLY A 156 -23.83 5.76 -2.11
CA GLY A 156 -23.37 7.08 -2.55
C GLY A 156 -24.25 8.20 -2.00
N MET A 157 -24.70 8.07 -0.76
CA MET A 157 -25.52 9.06 -0.09
C MET A 157 -24.71 9.75 0.99
N ASN A 158 -25.18 10.89 1.49
CA ASN A 158 -24.56 11.56 2.62
C ASN A 158 -24.80 10.72 3.87
N GLU A 159 -23.80 10.70 4.78
CA GLU A 159 -23.79 9.81 5.94
C GLU A 159 -25.00 10.09 6.83
N ASP A 160 -25.45 11.36 6.84
CA ASP A 160 -26.51 11.80 7.75
C ASP A 160 -27.90 11.57 7.14
N GLU A 161 -27.97 11.08 5.88
CA GLU A 161 -29.24 10.77 5.24
C GLU A 161 -29.54 9.28 5.38
N VAL A 162 -28.74 8.59 6.19
CA VAL A 162 -29.01 7.24 6.65
C VAL A 162 -29.24 7.26 8.15
N PHE A 163 -30.25 6.52 8.59
CA PHE A 163 -30.76 6.70 9.94
C PHE A 163 -30.79 5.36 10.66
N LEU A 164 -30.58 5.40 11.98
CA LEU A 164 -30.69 4.25 12.84
C LEU A 164 -32.08 4.22 13.46
N MET A 165 -32.80 3.12 13.26
CA MET A 165 -34.03 2.80 13.99
C MET A 165 -33.77 1.65 14.94
N LEU A 166 -34.03 1.83 16.23
CA LEU A 166 -34.00 0.73 17.19
C LEU A 166 -35.41 0.14 17.27
N VAL A 167 -35.45 -1.19 17.46
CA VAL A 167 -36.70 -1.93 17.57
C VAL A 167 -36.54 -2.93 18.70
N GLY A 168 -37.49 -2.88 19.65
CA GLY A 168 -37.41 -3.68 20.85
C GLY A 168 -38.61 -3.42 21.77
N ALA A 169 -39.10 -4.51 22.36
CA ALA A 169 -40.28 -4.51 23.23
C ALA A 169 -41.45 -3.76 22.61
N GLY A 170 -41.68 -3.92 21.30
CA GLY A 170 -42.80 -3.28 20.62
C GLY A 170 -42.53 -1.82 20.27
N LEU A 171 -41.43 -1.22 20.75
CA LEU A 171 -41.07 0.14 20.39
C LEU A 171 -40.22 0.18 19.12
N ARG A 172 -40.61 1.07 18.18
CA ARG A 172 -39.80 1.40 17.02
C ARG A 172 -39.44 2.88 17.07
N ILE A 173 -38.14 3.17 17.15
CA ILE A 173 -37.65 4.52 17.34
C ILE A 173 -36.55 4.83 16.33
N VAL A 174 -36.83 5.73 15.39
CA VAL A 174 -35.84 6.24 14.47
C VAL A 174 -35.19 7.45 15.13
N HIS A 175 -33.89 7.63 14.86
CA HIS A 175 -33.07 8.68 15.41
C HIS A 175 -32.63 9.61 14.28
N VAL A 176 -32.85 10.91 14.49
CA VAL A 176 -32.54 11.91 13.48
C VAL A 176 -31.04 12.23 13.49
N THR A 177 -30.42 12.22 14.66
CA THR A 177 -28.98 12.27 14.84
C THR A 177 -28.58 11.05 15.65
N LEU A 178 -27.28 10.79 15.72
CA LEU A 178 -26.82 9.55 16.33
C LEU A 178 -25.54 9.76 17.11
N HIS A 179 -24.38 9.57 16.48
CA HIS A 179 -23.14 9.31 17.20
C HIS A 179 -22.23 10.52 17.07
N GLU A 180 -22.56 11.57 17.82
CA GLU A 180 -21.86 12.83 17.85
C GLU A 180 -22.25 13.54 19.15
N SER A 181 -21.48 14.57 19.51
CA SER A 181 -21.80 15.38 20.68
C SER A 181 -23.22 15.95 20.52
N VAL A 182 -23.88 16.12 21.66
CA VAL A 182 -25.22 16.70 21.71
C VAL A 182 -25.19 18.05 21.04
N ARG A 183 -24.13 18.84 21.30
CA ARG A 183 -23.97 20.17 20.72
C ARG A 183 -23.96 20.01 19.20
N SER A 184 -23.12 19.09 18.74
CA SER A 184 -22.96 18.85 17.32
C SER A 184 -24.30 18.44 16.69
N ALA A 185 -25.03 17.54 17.37
CA ALA A 185 -26.33 17.10 16.89
C ALA A 185 -27.30 18.28 16.73
N LEU A 186 -27.37 19.13 17.76
CA LEU A 186 -28.28 20.26 17.76
C LEU A 186 -27.94 21.22 16.61
N GLU A 187 -26.65 21.42 16.37
CA GLU A 187 -26.19 22.28 15.28
C GLU A 187 -26.63 21.70 13.93
N ARG A 188 -26.72 20.37 13.81
CA ARG A 188 -27.04 19.73 12.56
C ARG A 188 -28.55 19.68 12.30
N LEU A 189 -29.37 19.74 13.35
CA LEU A 189 -30.81 19.48 13.24
C LEU A 189 -31.47 20.53 12.34
N SER A 190 -32.44 20.10 11.53
CA SER A 190 -33.16 21.00 10.66
C SER A 190 -34.50 20.39 10.27
N PRO A 191 -35.48 21.18 9.80
CA PRO A 191 -36.76 20.60 9.37
C PRO A 191 -36.54 19.45 8.37
N GLN A 192 -35.68 19.69 7.36
CA GLN A 192 -35.47 18.73 6.29
C GLN A 192 -34.90 17.41 6.83
N LEU A 193 -33.98 17.50 7.79
CA LEU A 193 -33.33 16.31 8.28
C LEU A 193 -34.34 15.44 9.03
N VAL A 194 -35.27 16.08 9.75
CA VAL A 194 -36.32 15.34 10.44
C VAL A 194 -37.24 14.70 9.42
N ILE A 195 -37.61 15.46 8.39
CA ILE A 195 -38.51 14.95 7.37
C ILE A 195 -37.90 13.71 6.71
N ASN A 196 -36.58 13.76 6.44
CA ASN A 196 -35.89 12.64 5.82
C ASN A 196 -35.93 11.43 6.74
N ALA A 197 -35.66 11.63 8.03
CA ALA A 197 -35.64 10.56 9.01
C ALA A 197 -36.98 9.85 9.04
N VAL A 198 -38.06 10.61 9.03
CA VAL A 198 -39.40 10.05 9.09
C VAL A 198 -39.72 9.30 7.79
N ASP A 199 -39.36 9.92 6.66
CA ASP A 199 -39.61 9.31 5.36
C ASP A 199 -38.99 7.92 5.32
N ALA A 200 -37.72 7.84 5.77
CA ALA A 200 -36.99 6.58 5.82
C ALA A 200 -37.70 5.60 6.75
N ALA A 201 -38.11 6.06 7.94
CA ALA A 201 -38.64 5.18 8.97
C ALA A 201 -39.99 4.64 8.56
N VAL A 202 -40.78 5.48 7.87
CA VAL A 202 -42.14 5.11 7.46
C VAL A 202 -42.09 3.99 6.42
N GLN A 203 -41.22 4.14 5.40
CA GLN A 203 -41.00 3.08 4.43
C GLN A 203 -40.54 1.80 5.12
N THR A 204 -39.62 1.92 6.09
CA THR A 204 -39.14 0.76 6.82
C THR A 204 -40.30 0.07 7.55
N CYS A 205 -41.26 0.87 8.05
CA CYS A 205 -42.40 0.30 8.76
C CYS A 205 -43.22 -0.59 7.83
N THR A 206 -43.26 -0.26 6.53
CA THR A 206 -43.94 -1.09 5.55
C THR A 206 -43.34 -2.51 5.59
N LEU A 207 -42.01 -2.59 5.45
CA LEU A 207 -41.27 -3.84 5.48
C LEU A 207 -41.60 -4.63 6.77
N LEU A 208 -41.67 -3.92 7.90
CA LEU A 208 -41.78 -4.55 9.20
C LEU A 208 -43.18 -5.14 9.44
N GLY A 209 -44.14 -4.74 8.59
CA GLY A 209 -45.52 -5.19 8.69
C GLY A 209 -46.44 -4.15 9.32
N VAL A 210 -46.14 -2.86 9.10
CA VAL A 210 -47.01 -1.78 9.54
C VAL A 210 -47.12 -0.74 8.42
N PRO A 211 -47.91 -0.99 7.36
CA PRO A 211 -47.85 -0.17 6.15
C PRO A 211 -48.07 1.33 6.37
N LYS A 212 -49.10 1.69 7.13
CA LYS A 212 -49.41 3.10 7.36
C LYS A 212 -49.33 3.39 8.86
N PRO A 213 -48.12 3.68 9.38
CA PRO A 213 -47.92 3.81 10.82
C PRO A 213 -48.33 5.16 11.37
N GLN A 214 -48.74 5.16 12.65
CA GLN A 214 -49.04 6.40 13.37
C GLN A 214 -47.78 6.86 14.12
N VAL A 215 -47.39 8.10 13.81
CA VAL A 215 -46.05 8.60 14.13
C VAL A 215 -46.13 9.63 15.25
N ALA A 216 -45.10 9.65 16.12
CA ALA A 216 -44.94 10.71 17.12
C ALA A 216 -43.50 11.24 17.07
N VAL A 217 -43.38 12.57 17.02
CA VAL A 217 -42.08 13.22 17.00
C VAL A 217 -41.73 13.75 18.39
N PHE A 218 -40.55 13.38 18.88
CA PHE A 218 -40.04 13.86 20.15
C PHE A 218 -39.63 15.32 20.01
N GLY A 219 -39.74 16.02 21.15
CA GLY A 219 -39.22 17.36 21.30
C GLY A 219 -37.70 17.35 21.44
N ILE A 220 -37.05 18.34 20.81
CA ILE A 220 -35.65 18.60 20.99
C ILE A 220 -35.42 18.97 22.46
N ASN A 221 -36.17 20.00 22.88
CA ASN A 221 -36.08 20.49 24.25
C ASN A 221 -37.11 19.77 25.12
N PRO A 222 -36.90 19.80 26.46
CA PRO A 222 -37.90 19.32 27.40
C PRO A 222 -39.31 19.81 27.08
N HIS A 223 -40.28 18.88 27.10
CA HIS A 223 -41.67 19.22 26.83
C HIS A 223 -41.82 19.89 25.46
N ALA A 224 -40.96 19.54 24.49
CA ALA A 224 -41.03 20.14 23.16
C ALA A 224 -40.91 21.66 23.24
N SER A 225 -40.16 22.16 24.23
CA SER A 225 -39.85 23.58 24.38
C SER A 225 -40.97 24.36 25.06
N GLU A 226 -42.18 23.79 25.18
CA GLU A 226 -43.33 24.43 25.80
C GLU A 226 -43.63 25.76 25.11
N GLY A 227 -44.05 25.67 23.84
CA GLY A 227 -44.02 26.77 22.92
C GLY A 227 -42.57 27.13 22.60
N GLN A 228 -42.11 28.18 23.28
CA GLN A 228 -40.75 28.69 23.16
C GLN A 228 -40.17 28.96 24.55
N LEU A 229 -40.80 28.43 25.60
CA LEU A 229 -40.45 28.78 26.96
C LEU A 229 -39.14 28.11 27.37
N PHE A 230 -38.89 26.90 26.85
CA PHE A 230 -37.68 26.15 27.13
C PHE A 230 -36.88 25.97 25.83
N GLY A 231 -36.86 27.00 24.99
CA GLY A 231 -36.02 27.00 23.80
C GLY A 231 -36.79 27.35 22.54
N LEU A 232 -36.06 27.81 21.51
CA LEU A 232 -36.66 28.16 20.23
C LEU A 232 -36.56 26.98 19.26
N GLU A 233 -35.78 25.95 19.61
CA GLU A 233 -35.38 24.93 18.65
C GLU A 233 -36.61 24.23 18.08
N ASP A 234 -37.54 23.82 18.95
CA ASP A 234 -38.70 23.07 18.51
C ASP A 234 -39.59 23.91 17.58
N SER A 235 -39.70 25.23 17.85
CA SER A 235 -40.49 26.09 16.99
C SER A 235 -39.82 26.27 15.61
N GLN A 236 -38.50 26.10 15.54
CA GLN A 236 -37.77 26.29 14.28
C GLN A 236 -37.62 25.01 13.48
N ILE A 237 -37.65 23.85 14.14
CA ILE A 237 -37.19 22.60 13.55
C ILE A 237 -38.32 21.57 13.50
N THR A 238 -38.81 21.15 14.67
CA THR A 238 -39.75 20.04 14.75
C THR A 238 -41.16 20.47 14.35
N VAL A 239 -41.51 21.72 14.65
CA VAL A 239 -42.88 22.16 14.39
C VAL A 239 -43.07 22.29 12.87
N PRO A 240 -42.19 23.04 12.15
CA PRO A 240 -42.28 23.11 10.69
C PRO A 240 -42.29 21.73 10.05
N ALA A 241 -41.39 20.85 10.52
CA ALA A 241 -41.25 19.50 9.98
C ALA A 241 -42.59 18.76 10.03
N VAL A 242 -43.28 18.85 11.17
CA VAL A 242 -44.52 18.11 11.38
C VAL A 242 -45.60 18.67 10.46
N GLU A 243 -45.64 20.00 10.28
CA GLU A 243 -46.67 20.62 9.47
C GLU A 243 -46.52 20.22 8.00
N THR A 244 -45.28 20.05 7.53
CA THR A 244 -45.03 19.62 6.17
C THR A 244 -45.47 18.16 6.00
N LEU A 245 -45.04 17.30 6.93
CA LEU A 245 -45.39 15.88 6.92
C LEU A 245 -46.92 15.69 6.94
N ARG A 246 -47.64 16.57 7.64
CA ARG A 246 -49.09 16.49 7.69
C ARG A 246 -49.69 16.89 6.34
N LYS A 247 -49.14 17.95 5.72
CA LYS A 247 -49.66 18.45 4.46
C LYS A 247 -49.40 17.48 3.30
N ARG A 248 -48.47 16.53 3.52
CA ARG A 248 -48.16 15.51 2.52
C ARG A 248 -48.94 14.22 2.82
N GLY A 249 -49.77 14.24 3.88
CA GLY A 249 -50.78 13.23 4.10
C GLY A 249 -50.43 12.25 5.22
N LEU A 250 -49.30 12.47 5.93
CA LEU A 250 -48.86 11.58 6.98
C LEU A 250 -49.59 11.92 8.28
N THR A 251 -49.89 10.88 9.08
CA THR A 251 -50.46 11.05 10.42
C THR A 251 -49.32 11.12 11.42
N VAL A 252 -49.02 12.36 11.85
CA VAL A 252 -47.91 12.65 12.74
C VAL A 252 -48.39 13.53 13.89
N ASP A 253 -48.14 13.08 15.12
CA ASP A 253 -48.38 13.89 16.31
C ASP A 253 -47.06 14.54 16.74
N GLY A 254 -47.11 15.76 17.27
CA GLY A 254 -45.99 16.33 17.99
C GLY A 254 -45.57 17.65 17.38
N PRO A 255 -44.41 18.23 17.75
CA PRO A 255 -43.50 17.65 18.73
C PRO A 255 -44.10 17.58 20.13
N MET A 256 -43.87 16.47 20.83
CA MET A 256 -44.28 16.30 22.21
C MET A 256 -43.09 15.83 23.03
N GLY A 257 -43.12 16.07 24.33
CA GLY A 257 -42.06 15.65 25.22
C GLY A 257 -41.86 14.14 25.15
N ALA A 258 -40.63 13.73 24.84
CA ALA A 258 -40.29 12.32 24.68
C ALA A 258 -40.84 11.48 25.84
N ASP A 259 -40.61 11.96 27.05
CA ASP A 259 -41.01 11.27 28.27
C ASP A 259 -42.51 10.98 28.27
N MET A 260 -43.31 11.99 27.90
CA MET A 260 -44.75 11.90 27.95
C MET A 260 -45.27 10.92 26.90
N VAL A 261 -44.86 11.12 25.63
CA VAL A 261 -45.43 10.37 24.52
C VAL A 261 -45.16 8.88 24.72
N LEU A 262 -43.93 8.54 25.09
CA LEU A 262 -43.52 7.15 25.18
C LEU A 262 -44.40 6.44 26.21
N ALA A 263 -44.72 7.13 27.31
CA ALA A 263 -45.50 6.52 28.39
C ALA A 263 -46.92 6.18 27.91
N GLN A 264 -47.42 6.88 26.88
CA GLN A 264 -48.76 6.65 26.37
C GLN A 264 -48.83 5.33 25.58
N ARG A 265 -47.79 5.02 24.81
CA ARG A 265 -47.69 3.77 24.06
C ARG A 265 -48.88 3.59 23.11
N LYS A 266 -49.16 4.64 22.32
CA LYS A 266 -50.30 4.65 21.41
C LYS A 266 -49.84 4.99 20.00
N HIS A 267 -48.56 4.79 19.72
CA HIS A 267 -48.00 5.06 18.40
C HIS A 267 -47.14 3.88 17.94
N ASP A 268 -46.93 3.82 16.62
CA ASP A 268 -46.22 2.70 16.02
C ASP A 268 -44.75 3.07 15.81
N LEU A 269 -44.51 4.37 15.56
CA LEU A 269 -43.16 4.85 15.33
C LEU A 269 -42.93 6.11 16.16
N TYR A 270 -41.75 6.20 16.78
CA TYR A 270 -41.32 7.41 17.47
C TYR A 270 -40.04 7.94 16.83
N VAL A 271 -39.90 9.28 16.85
CA VAL A 271 -38.83 9.96 16.14
C VAL A 271 -38.00 10.70 17.18
N ALA A 272 -36.89 10.10 17.61
CA ALA A 272 -36.01 10.70 18.58
C ALA A 272 -35.12 11.73 17.89
N MET A 273 -34.83 12.84 18.58
CA MET A 273 -33.97 13.88 18.04
C MET A 273 -32.52 13.59 18.39
N LEU A 274 -32.30 12.89 19.51
CA LEU A 274 -30.95 12.61 20.00
C LEU A 274 -30.80 11.15 20.41
N HIS A 275 -29.58 10.64 20.26
CA HIS A 275 -29.22 9.26 20.57
C HIS A 275 -29.94 8.77 21.84
N ASP A 276 -29.73 9.45 22.97
CA ASP A 276 -30.11 8.94 24.27
C ASP A 276 -31.63 8.91 24.42
N GLN A 277 -32.33 9.83 23.78
CA GLN A 277 -33.78 9.86 23.87
C GLN A 277 -34.39 8.54 23.43
N GLY A 278 -33.83 7.94 22.38
CA GLY A 278 -34.36 6.70 21.83
C GLY A 278 -33.67 5.47 22.41
N HIS A 279 -32.40 5.61 22.78
CA HIS A 279 -31.60 4.46 23.21
C HIS A 279 -31.97 4.05 24.63
N ILE A 280 -32.23 5.03 25.51
CA ILE A 280 -32.52 4.75 26.91
C ILE A 280 -33.74 3.84 27.04
N PRO A 281 -34.90 4.20 26.46
CA PRO A 281 -36.07 3.34 26.55
C PRO A 281 -35.85 1.93 26.01
N ILE A 282 -35.28 1.82 24.81
CA ILE A 282 -35.10 0.54 24.16
C ILE A 282 -34.28 -0.39 25.04
N LYS A 283 -33.13 0.10 25.53
CA LYS A 283 -32.23 -0.72 26.32
C LYS A 283 -32.85 -1.06 27.67
N LEU A 284 -33.74 -0.22 28.18
CA LEU A 284 -34.38 -0.46 29.46
C LEU A 284 -35.39 -1.60 29.36
N LEU A 285 -36.22 -1.59 28.31
CA LEU A 285 -37.24 -2.61 28.11
C LEU A 285 -36.65 -3.86 27.43
N ALA A 286 -35.54 -3.72 26.70
CA ALA A 286 -34.97 -4.83 25.94
C ALA A 286 -33.45 -4.84 26.06
N PRO A 287 -32.89 -5.16 27.24
CA PRO A 287 -31.44 -5.10 27.49
C PRO A 287 -30.63 -6.13 26.71
N ASN A 288 -31.33 -7.05 26.02
CA ASN A 288 -30.67 -8.03 25.18
C ASN A 288 -31.26 -8.01 23.78
N GLY A 289 -32.58 -8.20 23.67
CA GLY A 289 -33.23 -8.37 22.36
C GLY A 289 -33.73 -7.08 21.71
N ALA A 290 -32.81 -6.19 21.29
CA ALA A 290 -33.18 -5.06 20.45
C ALA A 290 -32.48 -5.17 19.09
N SER A 291 -33.20 -4.88 18.01
CA SER A 291 -32.60 -4.82 16.70
C SER A 291 -32.26 -3.38 16.31
N ALA A 292 -31.13 -3.21 15.61
CA ALA A 292 -30.63 -1.94 15.15
C ALA A 292 -30.64 -1.95 13.62
N LEU A 293 -31.48 -1.09 13.03
CA LEU A 293 -31.74 -1.10 11.59
C LEU A 293 -31.17 0.18 10.99
N SER A 294 -30.17 0.05 10.12
CA SER A 294 -29.70 1.14 9.27
C SER A 294 -30.54 1.20 8.00
N ILE A 295 -31.09 2.37 7.70
CA ILE A 295 -32.04 2.54 6.62
C ILE A 295 -31.62 3.72 5.74
N GLY A 296 -31.46 3.43 4.44
CA GLY A 296 -31.14 4.45 3.44
C GLY A 296 -31.50 3.97 2.03
N GLY A 297 -32.28 4.81 1.32
CA GLY A 297 -32.52 4.66 -0.11
C GLY A 297 -33.08 3.28 -0.50
N ARG A 298 -34.09 2.81 0.24
CA ARG A 298 -34.75 1.52 -0.04
C ARG A 298 -33.90 0.33 0.43
N VAL A 299 -32.94 0.57 1.33
CA VAL A 299 -32.20 -0.54 1.92
C VAL A 299 -32.36 -0.47 3.43
N VAL A 300 -32.80 -1.61 3.99
CA VAL A 300 -32.91 -1.82 5.43
C VAL A 300 -31.90 -2.88 5.81
N LEU A 301 -30.97 -2.53 6.71
CA LEU A 301 -29.94 -3.46 7.16
C LEU A 301 -29.98 -3.56 8.69
N SER A 302 -29.99 -4.76 9.21
CA SER A 302 -29.90 -4.98 10.65
C SER A 302 -28.63 -5.73 11.01
N SER A 303 -27.94 -5.23 12.03
CA SER A 303 -26.88 -6.02 12.64
C SER A 303 -27.52 -7.05 13.57
N VAL A 304 -26.70 -7.97 14.06
CA VAL A 304 -27.08 -8.88 15.12
C VAL A 304 -26.49 -8.32 16.41
N GLY A 305 -27.22 -8.51 17.53
CA GLY A 305 -27.07 -7.63 18.67
C GLY A 305 -25.78 -7.83 19.47
N HIS A 306 -24.91 -8.75 19.03
CA HIS A 306 -23.68 -9.07 19.76
C HIS A 306 -22.45 -8.97 18.85
N GLY A 307 -21.27 -9.21 19.44
CA GLY A 307 -20.02 -9.11 18.71
C GLY A 307 -19.61 -10.44 18.07
N SER A 308 -18.40 -10.46 17.48
CA SER A 308 -17.92 -11.59 16.71
C SER A 308 -17.48 -12.74 17.61
N ALA A 309 -17.22 -12.44 18.90
CA ALA A 309 -16.96 -13.45 19.91
C ALA A 309 -15.78 -14.31 19.51
N MET A 310 -14.62 -13.67 19.33
CA MET A 310 -13.44 -14.39 18.91
C MET A 310 -13.04 -15.44 19.94
N ASP A 311 -13.39 -15.23 21.22
CA ASP A 311 -12.99 -16.18 22.26
C ASP A 311 -13.68 -17.53 22.04
N ILE A 312 -14.84 -17.58 21.37
CA ILE A 312 -15.55 -18.84 21.18
C ILE A 312 -15.57 -19.27 19.71
N ALA A 313 -14.99 -18.45 18.82
CA ALA A 313 -15.13 -18.69 17.40
C ALA A 313 -14.58 -20.07 17.09
N GLY A 314 -15.43 -20.88 16.45
CA GLY A 314 -15.02 -22.19 15.96
C GLY A 314 -15.06 -23.23 17.06
N ARG A 315 -15.71 -22.96 18.20
CA ARG A 315 -15.96 -23.98 19.20
C ARG A 315 -17.42 -24.46 19.12
N GLY A 316 -18.22 -23.85 18.23
CA GLY A 316 -19.56 -24.35 17.94
C GLY A 316 -20.53 -24.22 19.11
N VAL A 317 -20.37 -23.19 19.95
CA VAL A 317 -21.21 -23.01 21.12
C VAL A 317 -21.93 -21.66 21.09
N ALA A 318 -21.93 -20.98 19.94
CA ALA A 318 -22.58 -19.69 19.81
C ALA A 318 -24.09 -19.88 19.59
N ASP A 319 -24.87 -19.08 20.29
CA ASP A 319 -26.32 -19.07 20.14
C ASP A 319 -26.72 -18.27 18.90
N ALA A 320 -27.70 -18.78 18.15
CA ALA A 320 -28.19 -18.07 16.98
C ALA A 320 -29.61 -17.56 17.18
N THR A 321 -30.02 -17.40 18.44
CA THR A 321 -31.33 -16.90 18.80
C THR A 321 -31.46 -15.45 18.32
N ALA A 322 -30.45 -14.63 18.61
CA ALA A 322 -30.46 -13.23 18.23
C ALA A 322 -30.66 -13.08 16.73
N LEU A 323 -29.87 -13.82 15.93
CA LEU A 323 -29.97 -13.79 14.48
C LEU A 323 -31.36 -14.24 14.03
N LEU A 324 -31.87 -15.34 14.61
CA LEU A 324 -33.17 -15.88 14.25
C LEU A 324 -34.27 -14.85 14.49
N ARG A 325 -34.15 -14.11 15.60
CA ARG A 325 -35.11 -13.08 15.97
C ARG A 325 -35.04 -11.91 14.98
N THR A 326 -33.83 -11.61 14.51
CA THR A 326 -33.59 -10.58 13.52
C THR A 326 -34.20 -10.95 12.17
N ILE A 327 -34.16 -12.25 11.83
CA ILE A 327 -34.78 -12.77 10.62
C ILE A 327 -36.30 -12.66 10.74
N ALA A 328 -36.83 -12.98 11.92
CA ALA A 328 -38.27 -12.89 12.17
C ALA A 328 -38.75 -11.45 12.02
N LEU A 329 -37.91 -10.50 12.43
CA LEU A 329 -38.27 -9.09 12.42
C LEU A 329 -38.31 -8.53 11.00
N LEU A 330 -37.22 -8.73 10.26
CA LEU A 330 -37.17 -8.23 8.88
C LEU A 330 -38.00 -9.11 7.95
N GLY A 331 -38.45 -10.28 8.42
CA GLY A 331 -39.18 -11.22 7.59
C GLY A 331 -40.68 -11.17 7.80
N ALA A 332 -41.17 -10.23 8.62
CA ALA A 332 -42.56 -10.21 9.08
C ALA A 332 -43.55 -10.24 7.91
N GLN A 333 -44.72 -10.82 8.13
CA GLN A 333 -45.78 -10.79 7.15
C GLN A 333 -46.24 -9.33 6.97
N PRO A 334 -46.52 -8.87 5.73
CA PRO A 334 -47.12 -7.53 5.54
C PRO A 334 -48.42 -7.36 6.33
N THR B 22 -11.21 24.46 12.41
CA THR B 22 -10.90 24.02 13.79
C THR B 22 -9.61 23.22 13.76
N ILE B 23 -8.71 23.47 14.73
CA ILE B 23 -7.50 22.66 14.84
C ILE B 23 -7.33 22.04 16.24
N VAL B 24 -8.05 22.56 17.23
CA VAL B 24 -7.93 22.11 18.61
C VAL B 24 -9.12 21.21 18.94
N HIS B 25 -8.86 19.91 19.05
CA HIS B 25 -9.93 18.96 19.33
C HIS B 25 -9.67 18.26 20.67
N ARG B 26 -8.82 18.86 21.52
CA ARG B 26 -8.69 18.37 22.89
C ARG B 26 -8.04 19.43 23.79
N ARG B 27 -7.95 19.11 25.09
CA ARG B 27 -7.48 20.05 26.08
C ARG B 27 -5.95 20.00 26.13
N LEU B 28 -5.31 21.16 25.92
CA LEU B 28 -3.87 21.26 25.94
C LEU B 28 -3.41 22.22 27.04
N ALA B 29 -2.23 21.93 27.60
CA ALA B 29 -1.53 22.85 28.48
C ALA B 29 -0.41 23.53 27.70
N LEU B 30 -0.36 24.86 27.78
CA LEU B 30 0.66 25.62 27.07
C LEU B 30 1.57 26.31 28.09
N ALA B 31 2.76 25.73 28.31
CA ALA B 31 3.80 26.36 29.11
C ALA B 31 4.53 27.39 28.27
N ILE B 32 4.66 28.62 28.76
CA ILE B 32 5.04 29.74 27.91
C ILE B 32 6.56 29.86 27.80
N GLY B 33 7.32 28.95 28.43
CA GLY B 33 8.75 28.90 28.21
C GLY B 33 9.50 30.04 28.91
N ASP B 34 10.68 30.39 28.39
CA ASP B 34 11.48 31.45 29.00
C ASP B 34 10.73 32.77 28.87
N PRO B 35 10.37 33.42 30.00
CA PRO B 35 9.53 34.61 29.98
C PRO B 35 10.21 35.87 29.45
N HIS B 36 11.55 35.82 29.34
CA HIS B 36 12.30 36.86 28.66
C HIS B 36 12.37 36.63 27.15
N GLY B 37 11.96 35.44 26.68
CA GLY B 37 12.03 35.10 25.27
C GLY B 37 10.74 35.44 24.53
N ILE B 38 10.54 34.77 23.39
CA ILE B 38 9.39 35.01 22.54
C ILE B 38 8.19 34.18 22.99
N GLY B 39 8.43 33.20 23.88
CA GLY B 39 7.41 32.28 24.33
C GLY B 39 6.08 32.98 24.65
N PRO B 40 6.07 33.97 25.58
CA PRO B 40 4.83 34.68 25.93
C PRO B 40 4.11 35.30 24.73
N GLU B 41 4.92 35.93 23.87
CA GLU B 41 4.43 36.62 22.69
C GLU B 41 3.75 35.66 21.72
N ILE B 42 4.45 34.57 21.35
CA ILE B 42 3.90 33.60 20.42
C ILE B 42 2.69 32.91 21.03
N ALA B 43 2.66 32.75 22.36
CA ALA B 43 1.50 32.19 23.02
C ALA B 43 0.25 33.04 22.72
N LEU B 44 0.36 34.36 22.90
CA LEU B 44 -0.77 35.25 22.70
C LEU B 44 -1.14 35.28 21.23
N LYS B 45 -0.13 35.34 20.36
CA LYS B 45 -0.33 35.47 18.93
C LYS B 45 -1.05 34.23 18.39
N ALA B 46 -0.66 33.05 18.88
CA ALA B 46 -1.27 31.79 18.45
C ALA B 46 -2.71 31.71 18.92
N LEU B 47 -2.94 31.99 20.21
CA LEU B 47 -4.29 31.95 20.79
C LEU B 47 -5.21 32.92 20.09
N GLN B 48 -4.69 34.09 19.67
CA GLN B 48 -5.51 35.09 18.99
C GLN B 48 -6.12 34.51 17.72
N GLN B 49 -5.35 33.68 16.99
CA GLN B 49 -5.78 33.14 15.71
C GLN B 49 -6.83 32.05 15.89
N LEU B 50 -6.91 31.46 17.09
CA LEU B 50 -7.90 30.44 17.38
C LEU B 50 -9.25 31.10 17.68
N SER B 51 -10.33 30.31 17.56
CA SER B 51 -11.66 30.73 17.98
C SER B 51 -11.77 30.70 19.50
N ALA B 52 -12.88 31.26 20.02
CA ALA B 52 -13.17 31.28 21.44
C ALA B 52 -13.22 29.87 22.00
N THR B 53 -13.96 28.99 21.31
CA THR B 53 -14.10 27.60 21.72
C THR B 53 -12.71 26.97 21.85
N GLU B 54 -11.85 27.22 20.86
CA GLU B 54 -10.52 26.63 20.86
C GLU B 54 -9.70 27.13 22.05
N ARG B 55 -9.87 28.41 22.39
CA ARG B 55 -9.10 29.05 23.45
C ARG B 55 -9.50 28.47 24.81
N SER B 56 -10.77 28.06 24.93
CA SER B 56 -11.25 27.49 26.17
C SER B 56 -10.65 26.10 26.41
N LEU B 57 -10.00 25.53 25.39
CA LEU B 57 -9.37 24.22 25.53
C LEU B 57 -7.89 24.34 25.90
N ILE B 58 -7.34 25.55 25.92
CA ILE B 58 -5.92 25.73 26.18
C ILE B 58 -5.73 26.43 27.51
N LYS B 59 -5.14 25.72 28.48
CA LYS B 59 -4.77 26.30 29.76
C LYS B 59 -3.31 26.71 29.70
N VAL B 60 -3.04 28.01 29.92
CA VAL B 60 -1.73 28.59 29.79
C VAL B 60 -1.04 28.58 31.15
N TYR B 61 0.18 28.03 31.20
CA TYR B 61 0.98 27.99 32.41
C TYR B 61 2.16 28.93 32.24
N GLY B 62 2.37 29.81 33.23
CA GLY B 62 3.49 30.74 33.21
C GLY B 62 3.17 32.01 33.99
N PRO B 63 4.16 32.90 34.20
CA PRO B 63 3.95 34.12 34.97
C PRO B 63 3.07 35.11 34.23
N TRP B 64 2.09 35.68 34.94
CA TRP B 64 1.13 36.59 34.36
C TRP B 64 1.79 37.88 33.89
N SER B 65 2.86 38.32 34.58
CA SER B 65 3.54 39.55 34.23
C SER B 65 4.08 39.46 32.81
N ALA B 66 4.74 38.34 32.50
CA ALA B 66 5.27 38.11 31.16
C ALA B 66 4.18 38.23 30.12
N LEU B 67 2.97 37.73 30.42
CA LEU B 67 1.86 37.76 29.47
C LEU B 67 1.31 39.18 29.32
N GLU B 68 1.34 39.96 30.41
CA GLU B 68 0.87 41.34 30.37
C GLU B 68 1.84 42.16 29.52
N GLN B 69 3.14 41.92 29.74
CA GLN B 69 4.20 42.52 28.96
C GLN B 69 3.98 42.29 27.46
N ALA B 70 3.76 41.02 27.08
CA ALA B 70 3.63 40.68 25.67
C ALA B 70 2.38 41.32 25.07
N ALA B 71 1.31 41.42 25.89
CA ALA B 71 0.05 41.98 25.47
C ALA B 71 0.21 43.45 25.03
N GLN B 72 1.01 44.23 25.77
CA GLN B 72 1.41 45.54 25.27
C GLN B 72 2.55 45.34 24.27
N ILE B 73 2.68 46.21 23.26
CA ILE B 73 3.65 45.99 22.19
C ILE B 73 3.17 44.83 21.30
N CYS B 74 1.97 44.32 21.51
CA CYS B 74 1.29 43.42 20.61
C CYS B 74 -0.17 43.62 20.95
N GLN B 75 -0.66 44.86 20.81
CA GLN B 75 -1.88 45.36 21.46
C GLN B 75 -3.02 44.35 21.61
N MET B 76 -2.80 43.30 22.41
CA MET B 76 -3.77 42.22 22.55
C MET B 76 -4.21 42.03 24.01
N GLU B 77 -4.39 43.14 24.72
CA GLU B 77 -4.83 43.10 26.11
C GLU B 77 -6.23 42.50 26.20
N SER B 78 -7.09 42.80 25.21
CA SER B 78 -8.45 42.27 25.15
C SER B 78 -8.45 40.77 25.42
N LEU B 79 -7.45 40.07 24.87
CA LEU B 79 -7.43 38.63 24.82
C LEU B 79 -7.19 38.01 26.21
N LEU B 80 -6.43 38.71 27.07
CA LEU B 80 -5.96 38.15 28.31
C LEU B 80 -7.14 37.75 29.19
N GLN B 81 -8.25 38.51 29.12
CA GLN B 81 -9.45 38.24 29.88
C GLN B 81 -9.95 36.83 29.61
N ASP B 82 -10.05 36.47 28.33
CA ASP B 82 -10.75 35.25 27.91
C ASP B 82 -9.79 34.06 27.87
N LEU B 83 -8.70 34.15 28.63
CA LEU B 83 -7.60 33.20 28.56
C LEU B 83 -7.62 32.39 29.86
N ILE B 84 -7.69 31.07 29.76
CA ILE B 84 -7.60 30.23 30.95
C ILE B 84 -6.12 30.17 31.33
N HIS B 85 -5.85 30.41 32.62
CA HIS B 85 -4.48 30.65 33.06
C HIS B 85 -4.26 30.11 34.48
N GLU B 86 -3.06 29.57 34.71
CA GLU B 86 -2.60 29.20 36.03
C GLU B 86 -1.21 29.81 36.20
N GLU B 87 -1.05 30.60 37.26
CA GLU B 87 0.21 31.22 37.57
C GLU B 87 1.24 30.12 37.84
N ALA B 88 2.36 30.17 37.12
CA ALA B 88 3.50 29.32 37.38
C ALA B 88 4.76 30.09 37.02
N GLY B 89 5.86 29.72 37.67
CA GLY B 89 7.15 30.36 37.45
C GLY B 89 7.06 31.87 37.58
N SER B 90 6.40 32.34 38.65
CA SER B 90 6.29 33.77 38.93
C SER B 90 7.66 34.43 39.00
N LEU B 91 7.73 35.71 38.61
CA LEU B 91 8.97 36.47 38.62
C LEU B 91 8.98 37.44 39.79
N ALA B 92 10.13 37.59 40.44
CA ALA B 92 10.30 38.46 41.59
C ALA B 92 10.73 39.86 41.15
N GLN B 93 10.87 40.06 39.83
CA GLN B 93 11.34 41.33 39.29
C GLN B 93 10.69 41.53 37.93
N PRO B 94 10.65 42.79 37.43
CA PRO B 94 10.14 43.05 36.09
C PRO B 94 10.77 42.18 34.99
N VAL B 95 10.06 42.06 33.87
CA VAL B 95 10.53 41.31 32.72
C VAL B 95 11.59 42.13 31.99
N GLN B 96 12.71 41.47 31.71
CA GLN B 96 13.78 42.03 30.89
C GLN B 96 13.86 41.25 29.59
N CYS B 97 13.10 41.67 28.59
CA CYS B 97 13.12 41.00 27.30
C CYS B 97 14.55 40.89 26.80
N GLY B 98 14.94 39.68 26.36
CA GLY B 98 16.18 39.49 25.65
C GLY B 98 17.38 39.16 26.55
N GLU B 99 17.16 39.12 27.87
CA GLU B 99 18.23 38.89 28.82
C GLU B 99 18.14 37.46 29.36
N ILE B 100 19.29 36.81 29.48
CA ILE B 100 19.43 35.51 30.09
C ILE B 100 19.63 35.71 31.58
N THR B 101 18.68 35.21 32.38
CA THR B 101 18.82 35.23 33.84
C THR B 101 18.40 33.88 34.41
N PRO B 102 18.98 33.46 35.56
CA PRO B 102 18.52 32.26 36.26
C PRO B 102 17.05 32.37 36.67
N GLN B 103 16.56 33.59 36.90
CA GLN B 103 15.17 33.80 37.26
C GLN B 103 14.29 33.28 36.13
N ALA B 104 14.64 33.65 34.89
CA ALA B 104 13.90 33.21 33.72
C ALA B 104 14.03 31.69 33.54
N GLY B 105 15.21 31.16 33.89
CA GLY B 105 15.47 29.73 33.80
C GLY B 105 14.55 28.92 34.70
N LEU B 106 14.38 29.36 35.93
CA LEU B 106 13.52 28.69 36.90
C LEU B 106 12.05 28.80 36.46
N SER B 107 11.64 30.01 36.07
CA SER B 107 10.30 30.25 35.58
C SER B 107 9.93 29.21 34.54
N THR B 108 10.86 29.01 33.58
CA THR B 108 10.71 28.07 32.48
C THR B 108 10.37 26.68 32.99
N VAL B 109 11.15 26.22 33.97
CA VAL B 109 11.06 24.85 34.42
C VAL B 109 9.81 24.67 35.27
N GLN B 110 9.42 25.73 36.01
CA GLN B 110 8.25 25.67 36.87
C GLN B 110 6.98 25.66 36.03
N SER B 111 6.93 26.50 34.98
CA SER B 111 5.80 26.51 34.08
C SER B 111 5.61 25.15 33.43
N ALA B 112 6.70 24.55 32.93
CA ALA B 112 6.63 23.29 32.21
C ALA B 112 6.22 22.17 33.17
N THR B 113 6.78 22.22 34.40
CA THR B 113 6.47 21.27 35.46
C THR B 113 4.98 21.34 35.81
N ALA B 114 4.41 22.53 35.81
CA ALA B 114 3.00 22.67 36.14
C ALA B 114 2.16 22.06 35.02
N ALA B 115 2.52 22.39 33.78
CA ALA B 115 1.82 21.86 32.61
C ALA B 115 1.83 20.33 32.64
N ILE B 116 2.99 19.74 32.94
CA ILE B 116 3.14 18.30 32.96
C ILE B 116 2.27 17.68 34.06
N ARG B 117 2.24 18.32 35.23
CA ARG B 117 1.51 17.79 36.36
C ARG B 117 0.01 17.80 36.03
N ALA B 118 -0.42 18.84 35.29
CA ALA B 118 -1.81 18.95 34.87
C ALA B 118 -2.15 17.81 33.90
N CYS B 119 -1.20 17.44 33.02
CA CYS B 119 -1.42 16.35 32.09
C CYS B 119 -1.42 15.02 32.84
N GLU B 120 -0.43 14.81 33.73
CA GLU B 120 -0.36 13.60 34.53
C GLU B 120 -1.68 13.35 35.24
N SER B 121 -2.26 14.43 35.79
CA SER B 121 -3.43 14.30 36.65
C SER B 121 -4.70 14.08 35.82
N GLY B 122 -4.64 14.35 34.52
CA GLY B 122 -5.78 14.13 33.64
C GLY B 122 -6.58 15.41 33.37
N GLU B 123 -6.09 16.56 33.84
CA GLU B 123 -6.76 17.82 33.62
C GLU B 123 -6.63 18.25 32.15
N VAL B 124 -5.52 17.87 31.50
CA VAL B 124 -5.34 18.08 30.06
C VAL B 124 -4.80 16.80 29.41
N ASP B 125 -4.83 16.77 28.08
CA ASP B 125 -4.48 15.57 27.32
C ASP B 125 -3.06 15.65 26.77
N ALA B 126 -2.47 16.86 26.68
CA ALA B 126 -1.09 16.98 26.21
C ALA B 126 -0.53 18.34 26.61
N VAL B 127 0.80 18.45 26.45
CA VAL B 127 1.54 19.63 26.86
C VAL B 127 2.35 20.14 25.69
N ILE B 128 2.32 21.46 25.50
CA ILE B 128 3.20 22.14 24.57
C ILE B 128 4.07 23.10 25.36
N ALA B 129 5.39 22.93 25.26
CA ALA B 129 6.34 23.80 25.94
C ALA B 129 6.94 24.77 24.93
N CYS B 130 6.72 26.07 25.17
CA CYS B 130 7.32 27.12 24.37
C CYS B 130 8.82 27.15 24.65
N PRO B 131 9.60 27.90 23.85
CA PRO B 131 11.06 27.81 23.92
C PRO B 131 11.69 28.18 25.26
N HIS B 132 12.70 27.38 25.63
CA HIS B 132 13.54 27.62 26.80
C HIS B 132 14.88 28.21 26.37
N HIS B 133 15.72 28.53 27.35
CA HIS B 133 17.12 28.87 27.12
C HIS B 133 17.97 28.03 28.08
N GLU B 134 18.81 27.15 27.52
CA GLU B 134 19.58 26.19 28.31
C GLU B 134 20.46 26.93 29.31
N THR B 135 21.07 28.04 28.88
CA THR B 135 21.96 28.80 29.75
C THR B 135 21.18 29.33 30.95
N ALA B 136 20.00 29.92 30.67
CA ALA B 136 19.12 30.43 31.71
C ALA B 136 18.85 29.35 32.77
N ILE B 137 18.45 28.16 32.30
CA ILE B 137 18.10 27.09 33.21
C ILE B 137 19.34 26.65 33.98
N HIS B 138 20.47 26.58 33.27
CA HIS B 138 21.70 26.11 33.87
C HIS B 138 22.19 27.12 34.90
N ARG B 139 22.03 28.42 34.63
CA ARG B 139 22.51 29.46 35.53
C ARG B 139 21.80 29.38 36.88
N ALA B 140 20.61 28.76 36.95
CA ALA B 140 20.07 28.35 38.25
C ALA B 140 20.77 27.05 38.70
N GLY B 141 20.27 26.38 39.75
CA GLY B 141 20.91 25.15 40.19
C GLY B 141 20.38 23.93 39.45
N ILE B 142 19.90 24.10 38.21
CA ILE B 142 19.00 23.13 37.61
C ILE B 142 19.70 22.38 36.48
N ALA B 143 19.80 21.05 36.69
CA ALA B 143 20.24 20.13 35.67
C ALA B 143 19.11 19.94 34.65
N PHE B 144 19.45 20.03 33.37
CA PHE B 144 18.49 19.86 32.30
C PHE B 144 19.22 19.37 31.06
N SER B 145 18.93 18.11 30.67
CA SER B 145 19.50 17.53 29.47
C SER B 145 18.49 17.58 28.33
N GLY B 146 17.23 17.93 28.63
CA GLY B 146 16.18 17.96 27.63
C GLY B 146 14.82 17.82 28.30
N TYR B 147 13.76 17.73 27.48
CA TYR B 147 12.41 17.52 27.98
C TYR B 147 12.24 16.06 28.38
N PRO B 148 12.91 15.07 27.74
CA PRO B 148 12.85 13.69 28.23
C PRO B 148 13.25 13.53 29.69
N SER B 149 14.40 14.08 30.07
CA SER B 149 14.90 14.01 31.43
C SER B 149 13.92 14.67 32.40
N LEU B 150 13.53 15.92 32.08
CA LEU B 150 12.65 16.69 32.93
C LEU B 150 11.38 15.87 33.19
N LEU B 151 10.83 15.29 32.12
CA LEU B 151 9.58 14.56 32.21
C LEU B 151 9.75 13.35 33.11
N ALA B 152 10.94 12.73 33.06
CA ALA B 152 11.27 11.58 33.89
C ALA B 152 11.22 11.94 35.37
N ASN B 153 11.95 13.00 35.73
CA ASN B 153 12.00 13.50 37.10
C ASN B 153 10.60 13.76 37.65
N VAL B 154 9.82 14.54 36.91
CA VAL B 154 8.54 15.01 37.41
C VAL B 154 7.64 13.81 37.72
N LEU B 155 7.63 12.83 36.81
CA LEU B 155 6.78 11.66 36.96
C LEU B 155 7.44 10.61 37.85
N GLY B 156 8.74 10.78 38.12
CA GLY B 156 9.48 9.89 38.99
C GLY B 156 9.79 8.56 38.31
N MET B 157 10.07 8.59 37.00
CA MET B 157 10.38 7.38 36.25
C MET B 157 11.85 7.42 35.86
N ASN B 158 12.38 6.27 35.41
CA ASN B 158 13.74 6.22 34.90
C ASN B 158 13.80 7.01 33.59
N GLU B 159 14.97 7.63 33.36
CA GLU B 159 15.22 8.45 32.18
C GLU B 159 15.03 7.62 30.91
N ASP B 160 15.28 6.31 31.00
CA ASP B 160 15.24 5.42 29.84
C ASP B 160 13.82 4.94 29.53
N GLU B 161 12.85 5.21 30.41
CA GLU B 161 11.46 4.83 30.21
C GLU B 161 10.65 5.99 29.62
N VAL B 162 11.35 7.06 29.25
CA VAL B 162 10.79 8.16 28.49
C VAL B 162 11.46 8.20 27.12
N PHE B 163 10.64 8.36 26.09
CA PHE B 163 11.12 8.15 24.74
C PHE B 163 10.83 9.40 23.93
N LEU B 164 11.73 9.68 22.99
CA LEU B 164 11.54 10.75 22.03
C LEU B 164 10.98 10.16 20.75
N MET B 165 9.84 10.70 20.31
CA MET B 165 9.30 10.47 18.98
C MET B 165 9.42 11.75 18.15
N LEU B 166 10.07 11.64 16.99
CA LEU B 166 10.07 12.75 16.04
C LEU B 166 8.89 12.58 15.09
N VAL B 167 8.34 13.72 14.65
CA VAL B 167 7.21 13.76 13.75
C VAL B 167 7.47 14.86 12.72
N GLY B 168 7.38 14.49 11.44
CA GLY B 168 7.68 15.39 10.34
C GLY B 168 7.43 14.70 9.00
N ALA B 169 6.82 15.45 8.07
CA ALA B 169 6.58 14.99 6.70
C ALA B 169 5.90 13.62 6.68
N GLY B 170 4.92 13.41 7.56
CA GLY B 170 4.14 12.18 7.58
C GLY B 170 4.83 11.06 8.37
N LEU B 171 6.12 11.24 8.70
CA LEU B 171 6.90 10.21 9.41
C LEU B 171 6.79 10.41 10.92
N ARG B 172 6.47 9.31 11.63
CA ARG B 172 6.49 9.27 13.08
C ARG B 172 7.48 8.20 13.50
N ILE B 173 8.55 8.61 14.20
CA ILE B 173 9.62 7.70 14.57
C ILE B 173 9.93 7.83 16.07
N VAL B 174 9.66 6.77 16.82
CA VAL B 174 10.06 6.68 18.21
C VAL B 174 11.46 6.07 18.27
N HIS B 175 12.24 6.53 19.24
CA HIS B 175 13.61 6.09 19.44
C HIS B 175 13.70 5.30 20.74
N VAL B 176 14.28 4.09 20.69
CA VAL B 176 14.36 3.21 21.85
C VAL B 176 15.52 3.63 22.75
N THR B 177 16.63 4.09 22.14
CA THR B 177 17.72 4.70 22.84
C THR B 177 17.87 6.10 22.24
N LEU B 178 18.56 6.97 22.96
CA LEU B 178 18.71 8.33 22.53
C LEU B 178 19.94 8.83 23.25
N HIS B 179 20.65 9.77 22.62
CA HIS B 179 21.66 10.62 23.27
C HIS B 179 22.64 9.88 24.19
N GLU B 180 23.01 8.65 23.79
CA GLU B 180 23.81 7.72 24.58
C GLU B 180 24.83 7.08 23.63
N SER B 181 26.00 6.68 24.12
CA SER B 181 27.01 6.01 23.29
C SER B 181 26.39 4.84 22.54
N VAL B 182 26.79 4.59 21.29
CA VAL B 182 26.20 3.50 20.54
C VAL B 182 26.48 2.19 21.30
N ARG B 183 27.71 2.07 21.82
CA ARG B 183 28.12 0.88 22.55
C ARG B 183 27.23 0.76 23.78
N SER B 184 27.07 1.88 24.49
CA SER B 184 26.25 1.91 25.68
C SER B 184 24.82 1.50 25.37
N ALA B 185 24.27 2.03 24.25
CA ALA B 185 22.91 1.71 23.83
C ALA B 185 22.77 0.21 23.60
N LEU B 186 23.72 -0.37 22.86
CA LEU B 186 23.69 -1.80 22.54
C LEU B 186 23.71 -2.63 23.82
N GLU B 187 24.53 -2.22 24.81
CA GLU B 187 24.62 -2.91 26.08
C GLU B 187 23.27 -2.86 26.81
N ARG B 188 22.52 -1.76 26.63
CA ARG B 188 21.27 -1.53 27.36
C ARG B 188 20.11 -2.25 26.67
N LEU B 189 20.20 -2.48 25.34
CA LEU B 189 19.06 -2.91 24.56
C LEU B 189 18.59 -4.28 25.02
N SER B 190 17.26 -4.45 25.04
CA SER B 190 16.65 -5.67 25.52
C SER B 190 15.24 -5.77 24.94
N PRO B 191 14.64 -6.97 24.95
CA PRO B 191 13.24 -7.09 24.51
C PRO B 191 12.35 -6.07 25.23
N GLN B 192 12.47 -6.00 26.55
CA GLN B 192 11.59 -5.17 27.37
C GLN B 192 11.70 -3.69 26.98
N LEU B 193 12.93 -3.23 26.71
CA LEU B 193 13.13 -1.80 26.44
C LEU B 193 12.42 -1.44 25.14
N VAL B 194 12.50 -2.35 24.15
CA VAL B 194 11.84 -2.10 22.88
C VAL B 194 10.33 -2.12 23.08
N ILE B 195 9.83 -3.11 23.85
CA ILE B 195 8.41 -3.23 24.09
C ILE B 195 7.89 -1.95 24.72
N ASN B 196 8.64 -1.39 25.69
CA ASN B 196 8.23 -0.18 26.38
C ASN B 196 8.15 0.99 25.39
N ALA B 197 9.18 1.13 24.54
CA ALA B 197 9.23 2.21 23.58
C ALA B 197 8.01 2.19 22.65
N VAL B 198 7.64 0.99 22.20
CA VAL B 198 6.52 0.82 21.29
C VAL B 198 5.22 1.13 22.02
N ASP B 199 5.09 0.62 23.26
CA ASP B 199 3.89 0.83 24.05
C ASP B 199 3.62 2.33 24.17
N ALA B 200 4.69 3.08 24.49
CA ALA B 200 4.60 4.52 24.64
C ALA B 200 4.19 5.17 23.32
N ALA B 201 4.81 4.74 22.22
CA ALA B 201 4.61 5.40 20.93
C ALA B 201 3.20 5.12 20.40
N VAL B 202 2.69 3.91 20.67
CA VAL B 202 1.40 3.49 20.16
C VAL B 202 0.29 4.30 20.82
N GLN B 203 0.35 4.45 22.15
CA GLN B 203 -0.58 5.30 22.88
C GLN B 203 -0.51 6.74 22.33
N THR B 204 0.70 7.24 22.08
CA THR B 204 0.86 8.59 21.54
C THR B 204 0.18 8.69 20.18
N CYS B 205 0.22 7.61 19.37
CA CYS B 205 -0.42 7.62 18.07
C CYS B 205 -1.94 7.85 18.22
N THR B 206 -2.52 7.33 19.31
CA THR B 206 -3.94 7.55 19.59
C THR B 206 -4.22 9.05 19.67
N LEU B 207 -3.45 9.76 20.50
CA LEU B 207 -3.55 11.20 20.67
C LEU B 207 -3.45 11.92 19.32
N LEU B 208 -2.51 11.46 18.48
CA LEU B 208 -2.18 12.17 17.24
C LEU B 208 -3.26 11.99 16.18
N GLY B 209 -4.18 11.05 16.41
CA GLY B 209 -5.30 10.79 15.52
C GLY B 209 -5.08 9.54 14.67
N VAL B 210 -4.37 8.55 15.22
CA VAL B 210 -4.15 7.28 14.54
C VAL B 210 -4.33 6.16 15.57
N PRO B 211 -5.58 5.78 15.91
CA PRO B 211 -5.81 4.87 17.04
C PRO B 211 -5.09 3.53 16.92
N LYS B 212 -5.15 2.90 15.74
CA LYS B 212 -4.59 1.57 15.52
C LYS B 212 -3.51 1.70 14.44
N PRO B 213 -2.27 2.06 14.82
CA PRO B 213 -1.20 2.29 13.85
C PRO B 213 -0.57 0.99 13.36
N GLN B 214 -0.05 1.02 12.14
CA GLN B 214 0.77 -0.06 11.60
C GLN B 214 2.23 0.26 11.90
N VAL B 215 2.91 -0.64 12.62
CA VAL B 215 4.23 -0.37 13.19
C VAL B 215 5.30 -1.14 12.42
N ALA B 216 6.49 -0.53 12.29
CA ALA B 216 7.66 -1.21 11.75
C ALA B 216 8.87 -1.00 12.66
N VAL B 217 9.58 -2.08 12.96
CA VAL B 217 10.72 -2.03 13.84
C VAL B 217 12.02 -2.09 13.03
N PHE B 218 12.91 -1.13 13.28
CA PHE B 218 14.20 -1.09 12.62
C PHE B 218 15.08 -2.20 13.19
N GLY B 219 16.01 -2.68 12.34
CA GLY B 219 17.06 -3.60 12.77
C GLY B 219 18.14 -2.84 13.52
N ILE B 220 18.68 -3.49 14.55
CA ILE B 220 19.85 -3.00 15.26
C ILE B 220 21.01 -3.00 14.27
N ASN B 221 21.25 -4.17 13.69
CA ASN B 221 22.32 -4.34 12.73
C ASN B 221 21.81 -4.08 11.32
N PRO B 222 22.72 -3.78 10.37
CA PRO B 222 22.37 -3.67 8.96
C PRO B 222 21.51 -4.84 8.49
N HIS B 223 20.44 -4.52 7.75
CA HIS B 223 19.52 -5.52 7.23
C HIS B 223 18.99 -6.42 8.36
N ALA B 224 18.80 -5.85 9.56
CA ALA B 224 18.30 -6.59 10.70
C ALA B 224 19.12 -7.84 10.97
N SER B 225 20.44 -7.78 10.70
CA SER B 225 21.38 -8.84 11.03
C SER B 225 21.38 -10.00 10.01
N GLU B 226 20.38 -10.06 9.13
CA GLU B 226 20.08 -11.27 8.36
C GLU B 226 19.88 -12.45 9.32
N GLY B 227 20.13 -13.67 8.84
CA GLY B 227 19.94 -14.85 9.69
C GLY B 227 21.15 -14.99 10.59
N GLN B 228 21.12 -14.38 11.79
CA GLN B 228 22.25 -14.31 12.68
C GLN B 228 23.52 -14.32 11.83
N LEU B 229 23.64 -13.37 10.90
CA LEU B 229 24.73 -13.46 9.94
C LEU B 229 25.60 -12.26 10.28
N PHE B 230 24.98 -11.08 10.21
CA PHE B 230 25.75 -9.87 10.44
C PHE B 230 25.91 -9.67 11.95
N GLY B 231 24.91 -9.98 12.76
CA GLY B 231 25.09 -10.03 14.20
C GLY B 231 24.07 -10.95 14.86
N LEU B 232 24.25 -11.15 16.17
CA LEU B 232 23.29 -11.91 16.96
C LEU B 232 22.25 -10.98 17.60
N GLU B 233 22.51 -9.66 17.58
CA GLU B 233 21.74 -8.72 18.39
C GLU B 233 20.25 -8.78 18.02
N ASP B 234 19.94 -8.76 16.72
CA ASP B 234 18.54 -8.73 16.30
C ASP B 234 17.83 -10.02 16.70
N SER B 235 18.53 -11.17 16.66
CA SER B 235 17.92 -12.43 17.05
C SER B 235 17.67 -12.47 18.56
N GLN B 236 18.43 -11.70 19.35
CA GLN B 236 18.31 -11.73 20.80
C GLN B 236 17.33 -10.68 21.31
N ILE B 237 17.13 -9.58 20.56
CA ILE B 237 16.52 -8.38 21.10
C ILE B 237 15.25 -8.02 20.31
N THR B 238 15.40 -7.70 19.02
CA THR B 238 14.28 -7.17 18.23
C THR B 238 13.31 -8.28 17.84
N VAL B 239 13.82 -9.50 17.59
CA VAL B 239 12.97 -10.57 17.11
C VAL B 239 12.05 -11.00 18.27
N PRO B 240 12.59 -11.35 19.46
CA PRO B 240 11.75 -11.67 20.62
C PRO B 240 10.72 -10.57 20.92
N ALA B 241 11.16 -9.31 20.88
CA ALA B 241 10.30 -8.17 21.18
C ALA B 241 9.08 -8.16 20.26
N VAL B 242 9.30 -8.40 18.96
CA VAL B 242 8.23 -8.34 17.98
C VAL B 242 7.27 -9.50 18.23
N GLU B 243 7.78 -10.69 18.57
CA GLU B 243 6.92 -11.85 18.76
C GLU B 243 6.02 -11.64 19.98
N THR B 244 6.50 -10.96 21.02
CA THR B 244 5.69 -10.68 22.20
C THR B 244 4.60 -9.67 21.82
N LEU B 245 5.00 -8.58 21.15
CA LEU B 245 4.07 -7.53 20.72
C LEU B 245 2.96 -8.12 19.82
N ARG B 246 3.30 -9.13 19.01
CA ARG B 246 2.32 -9.77 18.15
C ARG B 246 1.36 -10.62 18.97
N LYS B 247 1.89 -11.34 19.98
CA LYS B 247 1.08 -12.22 20.81
C LYS B 247 0.14 -11.41 21.73
N ARG B 248 0.40 -10.11 21.86
CA ARG B 248 -0.46 -9.23 22.65
C ARG B 248 -1.47 -8.52 21.74
N GLY B 249 -1.38 -8.78 20.42
CA GLY B 249 -2.41 -8.37 19.46
C GLY B 249 -2.00 -7.17 18.61
N LEU B 250 -0.74 -6.71 18.72
CA LEU B 250 -0.30 -5.53 18.01
C LEU B 250 0.13 -5.90 16.59
N THR B 251 -0.14 -4.98 15.65
CA THR B 251 0.29 -5.11 14.26
C THR B 251 1.68 -4.50 14.09
N VAL B 252 2.70 -5.36 14.11
CA VAL B 252 4.09 -4.94 14.09
C VAL B 252 4.81 -5.79 13.05
N ASP B 253 5.43 -5.11 12.05
CA ASP B 253 6.27 -5.78 11.08
C ASP B 253 7.71 -5.72 11.62
N GLY B 254 8.32 -6.91 11.65
CA GLY B 254 9.39 -7.25 12.59
C GLY B 254 10.72 -6.73 12.09
N PRO B 255 11.88 -7.06 12.69
CA PRO B 255 13.04 -6.22 12.45
C PRO B 255 13.39 -6.27 10.98
N MET B 256 13.37 -5.10 10.34
CA MET B 256 13.75 -4.95 8.95
C MET B 256 14.77 -3.83 8.86
N GLY B 257 15.55 -3.81 7.77
CA GLY B 257 16.54 -2.78 7.55
C GLY B 257 15.87 -1.41 7.51
N ALA B 258 16.32 -0.51 8.40
CA ALA B 258 15.77 0.82 8.51
C ALA B 258 15.66 1.47 7.14
N ASP B 259 16.74 1.37 6.36
CA ASP B 259 16.83 2.00 5.05
C ASP B 259 15.69 1.56 4.15
N MET B 260 15.41 0.25 4.14
CA MET B 260 14.43 -0.31 3.22
C MET B 260 13.02 0.11 3.65
N VAL B 261 12.68 -0.09 4.93
CA VAL B 261 11.31 0.06 5.38
C VAL B 261 10.87 1.50 5.20
N LEU B 262 11.75 2.44 5.58
CA LEU B 262 11.41 3.86 5.54
C LEU B 262 11.04 4.25 4.11
N ALA B 263 11.80 3.74 3.14
CA ALA B 263 11.61 4.12 1.76
C ALA B 263 10.23 3.70 1.24
N GLN B 264 9.65 2.64 1.84
CA GLN B 264 8.37 2.12 1.42
C GLN B 264 7.22 3.07 1.81
N ARG B 265 7.30 3.65 3.01
CA ARG B 265 6.32 4.60 3.50
C ARG B 265 4.93 3.98 3.51
N LYS B 266 4.83 2.77 4.09
CA LYS B 266 3.57 2.05 4.21
C LYS B 266 3.28 1.72 5.66
N HIS B 267 3.90 2.46 6.59
CA HIS B 267 3.64 2.31 8.01
C HIS B 267 3.35 3.68 8.63
N ASP B 268 2.72 3.65 9.81
CA ASP B 268 2.33 4.87 10.51
C ASP B 268 3.38 5.23 11.55
N LEU B 269 4.03 4.21 12.11
CA LEU B 269 5.00 4.41 13.17
C LEU B 269 6.24 3.56 12.88
N TYR B 270 7.43 4.16 13.07
CA TYR B 270 8.68 3.43 12.96
C TYR B 270 9.42 3.48 14.30
N VAL B 271 10.16 2.40 14.58
CA VAL B 271 10.83 2.23 15.86
C VAL B 271 12.33 2.16 15.63
N ALA B 272 13.00 3.30 15.79
CA ALA B 272 14.45 3.37 15.60
C ALA B 272 15.15 2.80 16.83
N MET B 273 16.28 2.11 16.60
CA MET B 273 17.06 1.56 17.70
C MET B 273 18.09 2.58 18.17
N LEU B 274 18.51 3.50 17.30
CA LEU B 274 19.54 4.49 17.63
C LEU B 274 19.13 5.88 17.14
N HIS B 275 19.62 6.92 17.86
CA HIS B 275 19.34 8.32 17.55
C HIS B 275 19.34 8.58 16.04
N ASP B 276 20.45 8.27 15.38
CA ASP B 276 20.70 8.75 14.01
C ASP B 276 19.75 8.05 13.03
N GLN B 277 19.37 6.80 13.32
CA GLN B 277 18.46 6.08 12.44
C GLN B 277 17.17 6.86 12.22
N GLY B 278 16.65 7.47 13.29
CA GLY B 278 15.38 8.19 13.22
C GLY B 278 15.56 9.67 12.91
N HIS B 279 16.70 10.24 13.34
CA HIS B 279 16.88 11.69 13.24
C HIS B 279 17.22 12.10 11.81
N ILE B 280 18.03 11.28 11.12
CA ILE B 280 18.47 11.59 9.77
C ILE B 280 17.27 11.79 8.84
N PRO B 281 16.35 10.82 8.72
CA PRO B 281 15.19 10.97 7.84
C PRO B 281 14.35 12.22 8.13
N ILE B 282 14.01 12.40 9.41
CA ILE B 282 13.12 13.49 9.80
C ILE B 282 13.70 14.83 9.38
N LYS B 283 14.98 15.06 9.71
CA LYS B 283 15.60 16.34 9.44
C LYS B 283 15.79 16.54 7.94
N LEU B 284 15.91 15.44 7.18
CA LEU B 284 16.09 15.55 5.74
C LEU B 284 14.79 15.98 5.06
N LEU B 285 13.66 15.38 5.43
CA LEU B 285 12.37 15.72 4.87
C LEU B 285 11.75 16.97 5.51
N ALA B 286 12.15 17.30 6.75
CA ALA B 286 11.55 18.44 7.45
C ALA B 286 12.63 19.23 8.17
N PRO B 287 13.49 19.98 7.44
CA PRO B 287 14.60 20.73 8.04
C PRO B 287 14.18 21.91 8.90
N ASN B 288 12.87 22.19 8.90
CA ASN B 288 12.30 23.26 9.68
C ASN B 288 11.12 22.76 10.51
N GLY B 289 10.12 22.17 9.84
CA GLY B 289 8.86 21.86 10.53
C GLY B 289 8.79 20.42 11.05
N ALA B 290 9.62 20.07 12.06
CA ALA B 290 9.52 18.78 12.73
C ALA B 290 9.17 18.97 14.20
N SER B 291 8.30 18.10 14.73
CA SER B 291 7.95 18.17 16.14
C SER B 291 8.70 17.08 16.90
N ALA B 292 9.08 17.42 18.14
CA ALA B 292 9.75 16.51 19.05
C ALA B 292 8.84 16.25 20.24
N LEU B 293 8.42 14.98 20.40
CA LEU B 293 7.45 14.61 21.43
C LEU B 293 8.14 13.73 22.46
N SER B 294 8.24 14.23 23.71
CA SER B 294 8.66 13.43 24.84
C SER B 294 7.44 12.77 25.44
N ILE B 295 7.52 11.43 25.61
CA ILE B 295 6.36 10.64 26.01
C ILE B 295 6.75 9.75 27.19
N GLY B 296 5.93 9.83 28.25
CA GLY B 296 6.02 8.90 29.36
C GLY B 296 4.78 8.97 30.26
N GLY B 297 4.24 7.79 30.58
CA GLY B 297 3.24 7.62 31.63
C GLY B 297 1.99 8.46 31.41
N ARG B 298 1.47 8.48 30.17
CA ARG B 298 0.27 9.20 29.80
C ARG B 298 0.55 10.70 29.65
N VAL B 299 1.79 11.09 29.36
CA VAL B 299 2.11 12.49 29.17
C VAL B 299 2.86 12.57 27.85
N VAL B 300 2.30 13.39 26.95
CA VAL B 300 2.92 13.74 25.68
C VAL B 300 3.25 15.22 25.73
N LEU B 301 4.55 15.55 25.57
CA LEU B 301 5.00 16.92 25.59
C LEU B 301 5.77 17.21 24.30
N SER B 302 5.42 18.31 23.63
CA SER B 302 6.12 18.75 22.44
C SER B 302 6.77 20.10 22.66
N SER B 303 8.01 20.24 22.17
CA SER B 303 8.68 21.51 22.02
C SER B 303 8.04 22.27 20.85
N VAL B 304 8.47 23.53 20.71
CA VAL B 304 8.28 24.27 19.47
C VAL B 304 9.61 24.23 18.72
N GLY B 305 9.57 24.28 17.38
CA GLY B 305 10.72 23.88 16.58
C GLY B 305 11.89 24.87 16.60
N HIS B 306 11.78 25.96 17.36
CA HIS B 306 12.79 27.01 17.37
C HIS B 306 13.14 27.38 18.81
N GLY B 307 14.20 28.19 18.96
CA GLY B 307 14.69 28.65 20.25
C GLY B 307 13.99 29.94 20.72
N SER B 308 14.51 30.53 21.82
CA SER B 308 13.86 31.61 22.53
C SER B 308 13.94 32.94 21.78
N ALA B 309 14.92 33.02 20.85
CA ALA B 309 15.06 34.14 19.94
C ALA B 309 15.25 35.43 20.72
N MET B 310 16.30 35.46 21.55
CA MET B 310 16.53 36.60 22.42
C MET B 310 16.76 37.86 21.59
N ASP B 311 17.28 37.73 20.37
CA ASP B 311 17.54 38.91 19.54
C ASP B 311 16.25 39.67 19.22
N ILE B 312 15.09 38.99 19.19
CA ILE B 312 13.84 39.65 18.82
C ILE B 312 12.87 39.76 20.01
N ALA B 313 13.26 39.20 21.16
CA ALA B 313 12.33 38.99 22.25
C ALA B 313 11.70 40.31 22.65
N GLY B 314 10.37 40.37 22.58
CA GLY B 314 9.63 41.51 23.07
C GLY B 314 9.70 42.71 22.13
N ARG B 315 9.98 42.45 20.84
CA ARG B 315 9.84 43.49 19.83
C ARG B 315 8.53 43.34 19.06
N GLY B 316 7.75 42.30 19.39
CA GLY B 316 6.42 42.11 18.82
C GLY B 316 6.47 41.75 17.34
N VAL B 317 7.52 41.04 16.90
CA VAL B 317 7.67 40.67 15.50
C VAL B 317 7.76 39.15 15.35
N ALA B 318 7.46 38.39 16.41
CA ALA B 318 7.78 36.97 16.43
C ALA B 318 6.65 36.18 15.77
N ASP B 319 7.03 35.22 14.92
CA ASP B 319 6.07 34.38 14.22
C ASP B 319 5.56 33.26 15.14
N ALA B 320 4.25 32.98 15.09
CA ALA B 320 3.70 31.91 15.89
C ALA B 320 3.17 30.77 15.01
N THR B 321 3.71 30.66 13.79
CA THR B 321 3.33 29.61 12.86
C THR B 321 3.72 28.24 13.42
N ALA B 322 4.97 28.15 13.90
CA ALA B 322 5.51 26.92 14.47
C ALA B 322 4.64 26.45 15.64
N LEU B 323 4.30 27.35 16.57
CA LEU B 323 3.47 27.02 17.71
C LEU B 323 2.09 26.53 17.24
N LEU B 324 1.50 27.26 16.29
CA LEU B 324 0.18 26.93 15.78
C LEU B 324 0.17 25.54 15.15
N ARG B 325 1.26 25.20 14.45
CA ARG B 325 1.40 23.89 13.81
C ARG B 325 1.52 22.80 14.87
N THR B 326 2.19 23.12 15.99
CA THR B 326 2.36 22.21 17.11
C THR B 326 1.03 21.94 17.81
N ILE B 327 0.18 22.97 17.88
CA ILE B 327 -1.16 22.87 18.42
C ILE B 327 -2.03 21.99 17.51
N ALA B 328 -1.89 22.18 16.19
CA ALA B 328 -2.64 21.38 15.23
C ALA B 328 -2.26 19.89 15.33
N LEU B 329 -0.99 19.63 15.64
CA LEU B 329 -0.49 18.26 15.72
C LEU B 329 -1.02 17.54 16.95
N LEU B 330 -0.83 18.14 18.12
CA LEU B 330 -1.28 17.54 19.37
C LEU B 330 -2.79 17.69 19.52
N GLY B 331 -3.43 18.50 18.67
CA GLY B 331 -4.86 18.76 18.80
C GLY B 331 -5.70 17.96 17.81
N ALA B 332 -5.09 17.05 17.03
CA ALA B 332 -5.76 16.40 15.91
C ALA B 332 -7.04 15.68 16.34
N GLN B 333 -8.00 15.55 15.42
CA GLN B 333 -9.28 14.91 15.71
C GLN B 333 -9.08 13.44 16.12
N PRO B 334 -9.66 13.02 17.28
CA PRO B 334 -9.57 11.64 17.76
C PRO B 334 -10.40 10.79 16.81
N VAL B 335 -9.71 10.08 15.90
CA VAL B 335 -10.38 9.40 14.80
C VAL B 335 -10.21 7.87 15.00
N MET C 21 21.75 14.03 -27.27
CA MET C 21 22.13 14.73 -26.01
C MET C 21 23.16 13.88 -25.26
N THR C 22 24.36 14.46 -25.02
CA THR C 22 25.56 13.69 -24.72
C THR C 22 25.60 13.35 -23.23
N ILE C 23 25.94 12.11 -22.88
CA ILE C 23 25.98 11.70 -21.47
C ILE C 23 27.30 11.00 -21.13
N VAL C 24 28.04 10.49 -22.12
CA VAL C 24 29.24 9.71 -21.90
C VAL C 24 30.32 10.68 -22.32
N HIS C 25 31.29 10.99 -21.52
CA HIS C 25 32.40 11.81 -21.91
C HIS C 25 33.66 11.14 -21.35
N ARG C 26 33.62 9.82 -21.12
CA ARG C 26 34.81 9.08 -20.72
C ARG C 26 34.61 7.59 -20.96
N ARG C 27 35.71 6.83 -20.79
CA ARG C 27 35.75 5.44 -21.23
C ARG C 27 35.18 4.54 -20.15
N LEU C 28 34.17 3.75 -20.51
CA LEU C 28 33.50 2.84 -19.60
C LEU C 28 33.57 1.42 -20.13
N ALA C 29 33.64 0.45 -19.21
CA ALA C 29 33.49 -0.96 -19.53
C ALA C 29 32.09 -1.40 -19.14
N LEU C 30 31.39 -2.06 -20.07
CA LEU C 30 30.05 -2.54 -19.81
C LEU C 30 30.03 -4.07 -19.84
N ALA C 31 30.02 -4.68 -18.64
CA ALA C 31 29.84 -6.12 -18.51
C ALA C 31 28.36 -6.45 -18.63
N ILE C 32 28.02 -7.41 -19.50
CA ILE C 32 26.64 -7.57 -19.94
C ILE C 32 25.84 -8.44 -18.97
N GLY C 33 26.47 -8.92 -17.90
CA GLY C 33 25.74 -9.63 -16.86
C GLY C 33 25.35 -11.04 -17.29
N ASP C 34 24.30 -11.58 -16.69
CA ASP C 34 23.85 -12.93 -16.99
C ASP C 34 23.39 -12.98 -18.44
N PRO C 35 24.04 -13.80 -19.30
CA PRO C 35 23.76 -13.79 -20.74
C PRO C 35 22.42 -14.42 -21.11
N HIS C 36 21.81 -15.15 -20.16
CA HIS C 36 20.46 -15.66 -20.33
C HIS C 36 19.43 -14.61 -19.90
N GLY C 37 19.84 -13.52 -19.24
CA GLY C 37 18.90 -12.54 -18.74
C GLY C 37 18.71 -11.38 -19.72
N ILE C 38 18.28 -10.24 -19.18
CA ILE C 38 17.97 -9.06 -19.98
C ILE C 38 19.21 -8.20 -20.18
N GLY C 39 20.29 -8.51 -19.45
CA GLY C 39 21.54 -7.77 -19.53
C GLY C 39 21.93 -7.47 -20.98
N PRO C 40 22.08 -8.49 -21.86
CA PRO C 40 22.45 -8.26 -23.26
C PRO C 40 21.50 -7.31 -23.99
N GLU C 41 20.20 -7.51 -23.77
CA GLU C 41 19.15 -6.71 -24.40
C GLU C 41 19.27 -5.24 -24.01
N ILE C 42 19.32 -4.95 -22.70
CA ILE C 42 19.39 -3.58 -22.24
C ILE C 42 20.73 -2.95 -22.67
N ALA C 43 21.78 -3.77 -22.77
CA ALA C 43 23.06 -3.26 -23.25
C ALA C 43 22.90 -2.69 -24.66
N LEU C 44 22.26 -3.45 -25.55
CA LEU C 44 22.12 -3.03 -26.94
C LEU C 44 21.19 -1.82 -27.00
N LYS C 45 20.11 -1.87 -26.22
CA LYS C 45 19.09 -0.84 -26.25
C LYS C 45 19.68 0.49 -25.80
N ALA C 46 20.53 0.45 -24.76
CA ALA C 46 21.18 1.63 -24.21
C ALA C 46 22.14 2.23 -25.24
N LEU C 47 23.02 1.37 -25.77
CA LEU C 47 24.03 1.78 -26.74
C LEU C 47 23.39 2.39 -27.97
N GLN C 48 22.23 1.85 -28.39
CA GLN C 48 21.55 2.31 -29.59
C GLN C 48 21.20 3.79 -29.45
N GLN C 49 20.78 4.19 -28.24
CA GLN C 49 20.31 5.55 -28.01
C GLN C 49 21.46 6.54 -27.99
N LEU C 50 22.68 6.06 -27.77
CA LEU C 50 23.87 6.90 -27.74
C LEU C 50 24.31 7.20 -29.17
N SER C 51 25.11 8.27 -29.32
CA SER C 51 25.75 8.59 -30.59
C SER C 51 26.92 7.65 -30.85
N ALA C 52 27.45 7.71 -32.08
CA ALA C 52 28.59 6.91 -32.50
C ALA C 52 29.80 7.21 -31.61
N THR C 53 30.07 8.50 -31.39
CA THR C 53 31.18 8.94 -30.56
C THR C 53 31.04 8.32 -29.17
N GLU C 54 29.83 8.35 -28.62
CA GLU C 54 29.59 7.82 -27.28
C GLU C 54 29.85 6.32 -27.23
N ARG C 55 29.48 5.62 -28.32
CA ARG C 55 29.60 4.17 -28.39
C ARG C 55 31.07 3.77 -28.44
N SER C 56 31.91 4.63 -29.02
CA SER C 56 33.33 4.34 -29.11
C SER C 56 34.00 4.45 -27.74
N LEU C 57 33.30 5.01 -26.75
CA LEU C 57 33.83 5.13 -25.41
C LEU C 57 33.39 3.96 -24.51
N ILE C 58 32.52 3.08 -25.01
CA ILE C 58 32.02 1.98 -24.20
C ILE C 58 32.52 0.67 -24.78
N LYS C 59 33.38 -0.02 -24.02
CA LYS C 59 33.84 -1.34 -24.41
C LYS C 59 32.99 -2.39 -23.71
N VAL C 60 32.33 -3.24 -24.51
CA VAL C 60 31.37 -4.21 -24.01
C VAL C 60 32.10 -5.53 -23.73
N TYR C 61 31.94 -6.06 -22.50
CA TYR C 61 32.55 -7.32 -22.12
C TYR C 61 31.44 -8.35 -21.95
N GLY C 62 31.62 -9.51 -22.57
CA GLY C 62 30.65 -10.59 -22.50
C GLY C 62 30.68 -11.47 -23.75
N PRO C 63 29.96 -12.60 -23.74
CA PRO C 63 29.95 -13.52 -24.89
C PRO C 63 29.24 -12.90 -26.09
N TRP C 64 29.84 -13.02 -27.27
CA TRP C 64 29.29 -12.44 -28.49
C TRP C 64 27.97 -13.11 -28.88
N SER C 65 27.83 -14.40 -28.59
CA SER C 65 26.61 -15.12 -28.93
C SER C 65 25.40 -14.49 -28.24
N ALA C 66 25.53 -14.18 -26.94
CA ALA C 66 24.48 -13.52 -26.19
C ALA C 66 24.05 -12.23 -26.88
N LEU C 67 25.02 -11.46 -27.39
CA LEU C 67 24.73 -10.19 -28.02
C LEU C 67 24.07 -10.38 -29.39
N GLU C 68 24.45 -11.46 -30.09
CA GLU C 68 23.84 -11.77 -31.38
C GLU C 68 22.39 -12.16 -31.16
N GLN C 69 22.17 -12.99 -30.14
CA GLN C 69 20.85 -13.41 -29.73
C GLN C 69 19.94 -12.21 -29.48
N ALA C 70 20.42 -11.26 -28.67
CA ALA C 70 19.62 -10.11 -28.29
C ALA C 70 19.32 -9.24 -29.50
N ALA C 71 20.31 -9.15 -30.41
CA ALA C 71 20.18 -8.34 -31.61
C ALA C 71 19.05 -8.85 -32.49
N GLN C 72 18.99 -10.18 -32.64
CA GLN C 72 18.09 -10.84 -33.59
C GLN C 72 16.66 -10.78 -33.10
N ILE C 73 16.48 -10.82 -31.77
CA ILE C 73 15.15 -10.73 -31.21
C ILE C 73 14.68 -9.28 -31.23
N CYS C 74 15.61 -8.32 -31.12
CA CYS C 74 15.26 -6.91 -31.00
C CYS C 74 15.43 -6.13 -32.31
N GLN C 75 15.88 -6.81 -33.37
CA GLN C 75 16.06 -6.21 -34.69
C GLN C 75 17.04 -5.04 -34.60
N MET C 76 18.25 -5.31 -34.12
CA MET C 76 19.28 -4.28 -33.98
C MET C 76 20.62 -4.78 -34.53
N GLU C 77 20.58 -5.52 -35.65
CA GLU C 77 21.82 -6.09 -36.18
C GLU C 77 22.76 -4.98 -36.66
N SER C 78 22.21 -3.89 -37.20
CA SER C 78 23.00 -2.75 -37.65
C SER C 78 24.02 -2.35 -36.60
N LEU C 79 23.63 -2.42 -35.32
CA LEU C 79 24.40 -1.88 -34.23
C LEU C 79 25.66 -2.70 -33.94
N LEU C 80 25.62 -4.01 -34.21
CA LEU C 80 26.71 -4.90 -33.80
C LEU C 80 28.03 -4.49 -34.45
N GLN C 81 27.96 -3.96 -35.68
CA GLN C 81 29.13 -3.48 -36.41
C GLN C 81 29.89 -2.44 -35.58
N ASP C 82 29.15 -1.45 -35.05
CA ASP C 82 29.75 -0.26 -34.46
C ASP C 82 30.01 -0.46 -32.97
N LEU C 83 30.18 -1.72 -32.55
CA LEU C 83 30.25 -2.08 -31.15
C LEU C 83 31.69 -2.45 -30.81
N ILE C 84 32.34 -1.72 -29.90
CA ILE C 84 33.65 -2.13 -29.42
C ILE C 84 33.41 -3.23 -28.40
N HIS C 85 34.13 -4.35 -28.56
CA HIS C 85 33.79 -5.57 -27.85
C HIS C 85 35.03 -6.40 -27.53
N GLU C 86 35.01 -7.03 -26.36
CA GLU C 86 36.00 -8.03 -25.98
C GLU C 86 35.25 -9.26 -25.50
N GLU C 87 35.54 -10.40 -26.12
CA GLU C 87 34.93 -11.65 -25.74
C GLU C 87 35.32 -11.97 -24.30
N ALA C 88 34.31 -12.20 -23.45
CA ALA C 88 34.50 -12.70 -22.11
C ALA C 88 33.32 -13.58 -21.76
N GLY C 89 33.53 -14.51 -20.82
CA GLY C 89 32.48 -15.40 -20.36
C GLY C 89 31.81 -16.14 -21.53
N SER C 90 32.62 -16.64 -22.47
CA SER C 90 32.11 -17.40 -23.60
C SER C 90 31.27 -18.57 -23.14
N LEU C 91 30.29 -18.96 -23.96
CA LEU C 91 29.39 -20.06 -23.63
C LEU C 91 29.78 -21.29 -24.45
N ALA C 92 29.72 -22.47 -23.82
CA ALA C 92 30.11 -23.73 -24.44
C ALA C 92 28.89 -24.41 -25.10
N GLN C 93 27.73 -23.74 -25.02
CA GLN C 93 26.49 -24.25 -25.57
C GLN C 93 25.66 -23.04 -26.02
N PRO C 94 24.61 -23.23 -26.85
CA PRO C 94 23.73 -22.12 -27.23
C PRO C 94 23.18 -21.34 -26.05
N VAL C 95 22.75 -20.10 -26.32
CA VAL C 95 22.09 -19.26 -25.33
C VAL C 95 20.67 -19.78 -25.12
N GLN C 96 20.30 -19.95 -23.83
CA GLN C 96 18.97 -20.33 -23.44
C GLN C 96 18.35 -19.18 -22.66
N CYS C 97 17.73 -18.23 -23.37
CA CYS C 97 17.08 -17.12 -22.67
C CYS C 97 16.14 -17.64 -21.60
N GLY C 98 16.25 -17.10 -20.38
CA GLY C 98 15.28 -17.30 -19.32
C GLY C 98 15.58 -18.52 -18.45
N GLU C 99 16.69 -19.23 -18.71
CA GLU C 99 17.06 -20.39 -17.93
C GLU C 99 18.22 -20.03 -17.00
N ILE C 100 18.12 -20.46 -15.74
CA ILE C 100 19.15 -20.23 -14.74
C ILE C 100 20.11 -21.40 -14.80
N THR C 101 21.37 -21.14 -15.20
CA THR C 101 22.34 -22.22 -15.36
C THR C 101 23.67 -21.78 -14.75
N PRO C 102 24.49 -22.72 -14.23
CA PRO C 102 25.85 -22.39 -13.78
C PRO C 102 26.71 -21.80 -14.90
N GLN C 103 26.42 -22.21 -16.14
CA GLN C 103 27.17 -21.70 -17.29
C GLN C 103 26.99 -20.19 -17.37
N ALA C 104 25.74 -19.75 -17.23
CA ALA C 104 25.43 -18.33 -17.26
C ALA C 104 26.05 -17.60 -16.07
N GLY C 105 26.08 -18.30 -14.93
CA GLY C 105 26.65 -17.75 -13.70
C GLY C 105 28.13 -17.43 -13.85
N LEU C 106 28.88 -18.37 -14.45
CA LEU C 106 30.30 -18.17 -14.69
C LEU C 106 30.52 -17.06 -15.72
N SER C 107 29.78 -17.10 -16.82
CA SER C 107 29.86 -16.08 -17.84
C SER C 107 29.80 -14.70 -17.20
N THR C 108 28.82 -14.53 -16.31
CA THR C 108 28.56 -13.28 -15.60
C THR C 108 29.82 -12.79 -14.90
N VAL C 109 30.45 -13.70 -14.16
CA VAL C 109 31.55 -13.33 -13.29
C VAL C 109 32.79 -13.08 -14.14
N GLN C 110 32.93 -13.80 -15.27
CA GLN C 110 34.08 -13.67 -16.14
C GLN C 110 34.01 -12.34 -16.89
N SER C 111 32.82 -11.98 -17.37
CA SER C 111 32.61 -10.70 -18.04
C SER C 111 32.95 -9.54 -17.10
N ALA C 112 32.46 -9.61 -15.86
CA ALA C 112 32.65 -8.54 -14.91
C ALA C 112 34.14 -8.45 -14.53
N THR C 113 34.77 -9.61 -14.36
CA THR C 113 36.18 -9.71 -14.02
C THR C 113 37.03 -9.09 -15.15
N ALA C 114 36.62 -9.27 -16.40
CA ALA C 114 37.37 -8.70 -17.51
C ALA C 114 37.20 -7.18 -17.46
N ALA C 115 35.96 -6.72 -17.29
CA ALA C 115 35.68 -5.30 -17.21
C ALA C 115 36.53 -4.64 -16.13
N ILE C 116 36.60 -5.27 -14.96
CA ILE C 116 37.34 -4.75 -13.82
C ILE C 116 38.83 -4.67 -14.15
N ARG C 117 39.35 -5.72 -14.80
CA ARG C 117 40.78 -5.79 -15.10
C ARG C 117 41.14 -4.70 -16.10
N ALA C 118 40.22 -4.40 -17.02
CA ALA C 118 40.42 -3.32 -17.98
C ALA C 118 40.46 -1.97 -17.27
N CYS C 119 39.66 -1.80 -16.21
CA CYS C 119 39.67 -0.58 -15.43
C CYS C 119 40.96 -0.51 -14.60
N GLU C 120 41.32 -1.61 -13.92
CA GLU C 120 42.54 -1.67 -13.14
C GLU C 120 43.73 -1.25 -13.99
N SER C 121 43.77 -1.72 -15.25
CA SER C 121 44.93 -1.51 -16.09
C SER C 121 44.97 -0.10 -16.67
N GLY C 122 43.85 0.63 -16.58
CA GLY C 122 43.80 2.00 -17.05
C GLY C 122 43.20 2.13 -18.45
N GLU C 123 42.71 1.04 -19.02
CA GLU C 123 42.11 1.07 -20.35
C GLU C 123 40.75 1.77 -20.29
N VAL C 124 40.04 1.68 -19.15
CA VAL C 124 38.80 2.41 -18.94
C VAL C 124 38.81 3.05 -17.55
N ASP C 125 37.88 3.98 -17.33
CA ASP C 125 37.84 4.77 -16.10
C ASP C 125 36.81 4.20 -15.11
N ALA C 126 35.84 3.42 -15.59
CA ALA C 126 34.87 2.83 -14.68
C ALA C 126 34.17 1.64 -15.33
N VAL C 127 33.45 0.90 -14.49
CA VAL C 127 32.81 -0.35 -14.89
C VAL C 127 31.34 -0.30 -14.50
N ILE C 128 30.48 -0.73 -15.43
CA ILE C 128 29.06 -0.89 -15.20
C ILE C 128 28.72 -2.35 -15.43
N ALA C 129 28.14 -2.98 -14.40
CA ALA C 129 27.79 -4.39 -14.47
C ALA C 129 26.28 -4.52 -14.64
N CYS C 130 25.87 -5.14 -15.75
CA CYS C 130 24.47 -5.44 -16.00
C CYS C 130 24.02 -6.53 -15.03
N PRO C 131 22.71 -6.82 -14.94
CA PRO C 131 22.19 -7.74 -13.94
C PRO C 131 22.74 -9.16 -13.95
N HIS C 132 23.03 -9.65 -12.75
CA HIS C 132 23.43 -11.02 -12.50
C HIS C 132 22.24 -11.81 -11.95
N HIS C 133 22.45 -13.11 -11.74
CA HIS C 133 21.50 -13.95 -11.03
C HIS C 133 22.26 -14.72 -9.96
N GLU C 134 21.94 -14.48 -8.68
CA GLU C 134 22.72 -15.03 -7.58
C GLU C 134 22.73 -16.56 -7.64
N THR C 135 21.56 -17.15 -7.98
CA THR C 135 21.44 -18.60 -8.04
C THR C 135 22.38 -19.15 -9.13
N ALA C 136 22.34 -18.51 -10.31
CA ALA C 136 23.20 -18.89 -11.43
C ALA C 136 24.66 -18.92 -10.97
N ILE C 137 25.10 -17.84 -10.33
CA ILE C 137 26.48 -17.71 -9.93
C ILE C 137 26.78 -18.75 -8.85
N HIS C 138 25.83 -18.95 -7.93
CA HIS C 138 26.02 -19.90 -6.83
C HIS C 138 26.10 -21.32 -7.39
N ARG C 139 25.28 -21.65 -8.38
CA ARG C 139 25.25 -23.01 -8.91
C ARG C 139 26.57 -23.35 -9.60
N ALA C 140 27.30 -22.32 -10.04
CA ALA C 140 28.61 -22.50 -10.64
C ALA C 140 29.66 -22.77 -9.58
N GLY C 141 29.29 -22.72 -8.29
CA GLY C 141 30.21 -22.99 -7.20
C GLY C 141 31.06 -21.77 -6.84
N ILE C 142 30.57 -20.59 -7.22
CA ILE C 142 31.30 -19.34 -7.01
C ILE C 142 30.63 -18.58 -5.87
N ALA C 143 31.44 -18.22 -4.87
CA ALA C 143 31.02 -17.38 -3.77
C ALA C 143 30.80 -15.95 -4.27
N PHE C 144 29.66 -15.37 -3.90
CA PHE C 144 29.33 -14.02 -4.29
C PHE C 144 28.41 -13.41 -3.23
N SER C 145 28.96 -12.48 -2.46
CA SER C 145 28.23 -11.77 -1.43
C SER C 145 27.84 -10.37 -1.92
N GLY C 146 28.32 -9.98 -3.11
CA GLY C 146 28.02 -8.68 -3.69
C GLY C 146 29.13 -8.25 -4.64
N TYR C 147 29.01 -7.04 -5.20
CA TYR C 147 30.03 -6.51 -6.08
C TYR C 147 31.22 -6.02 -5.26
N PRO C 148 31.05 -5.54 -4.00
CA PRO C 148 32.20 -5.18 -3.19
C PRO C 148 33.19 -6.33 -3.00
N SER C 149 32.68 -7.50 -2.61
CA SER C 149 33.49 -8.69 -2.42
C SER C 149 34.17 -9.10 -3.73
N LEU C 150 33.39 -9.21 -4.82
CA LEU C 150 33.93 -9.61 -6.11
C LEU C 150 35.09 -8.69 -6.47
N LEU C 151 34.89 -7.38 -6.30
CA LEU C 151 35.89 -6.41 -6.68
C LEU C 151 37.15 -6.60 -5.84
N ALA C 152 36.97 -6.99 -4.57
CA ALA C 152 38.07 -7.27 -3.66
C ALA C 152 38.91 -8.44 -4.17
N ASN C 153 38.26 -9.57 -4.46
CA ASN C 153 38.90 -10.77 -5.01
C ASN C 153 39.73 -10.43 -6.25
N VAL C 154 39.09 -9.78 -7.23
CA VAL C 154 39.72 -9.58 -8.53
C VAL C 154 41.00 -8.79 -8.35
N LEU C 155 40.95 -7.74 -7.53
CA LEU C 155 42.10 -6.87 -7.32
C LEU C 155 43.03 -7.45 -6.25
N GLY C 156 42.55 -8.45 -5.50
CA GLY C 156 43.34 -9.08 -4.44
C GLY C 156 43.48 -8.17 -3.22
N MET C 157 42.40 -7.46 -2.88
CA MET C 157 42.37 -6.57 -1.74
C MET C 157 41.51 -7.20 -0.64
N ASN C 158 41.69 -6.69 0.58
CA ASN C 158 40.88 -7.08 1.71
C ASN C 158 39.47 -6.57 1.47
N GLU C 159 38.44 -7.31 1.94
CA GLU C 159 37.04 -6.97 1.74
C GLU C 159 36.74 -5.59 2.35
N ASP C 160 37.48 -5.22 3.42
CA ASP C 160 37.21 -4.00 4.16
C ASP C 160 37.95 -2.80 3.55
N GLU C 161 38.81 -3.02 2.55
CA GLU C 161 39.52 -1.93 1.86
C GLU C 161 38.78 -1.52 0.59
N VAL C 162 37.60 -2.11 0.38
CA VAL C 162 36.68 -1.73 -0.67
C VAL C 162 35.42 -1.18 -0.01
N PHE C 163 34.94 -0.07 -0.54
CA PHE C 163 33.91 0.68 0.16
C PHE C 163 32.72 0.84 -0.78
N LEU C 164 31.53 0.84 -0.18
CA LEU C 164 30.29 1.08 -0.91
C LEU C 164 29.94 2.56 -0.73
N MET C 165 29.77 3.26 -1.86
CA MET C 165 29.20 4.60 -1.88
C MET C 165 27.83 4.53 -2.55
N LEU C 166 26.80 5.02 -1.85
CA LEU C 166 25.49 5.18 -2.44
C LEU C 166 25.38 6.58 -3.01
N VAL C 167 24.66 6.70 -4.13
CA VAL C 167 24.46 7.97 -4.80
C VAL C 167 22.98 8.03 -5.21
N GLY C 168 22.31 9.10 -4.79
CA GLY C 168 20.86 9.20 -4.93
C GLY C 168 20.36 10.56 -4.46
N ALA C 169 19.48 11.17 -5.26
CA ALA C 169 18.90 12.48 -4.97
C ALA C 169 19.96 13.51 -4.61
N GLY C 170 21.09 13.51 -5.33
CA GLY C 170 22.13 14.50 -5.11
C GLY C 170 23.07 14.12 -3.96
N LEU C 171 22.71 13.12 -3.15
CA LEU C 171 23.49 12.73 -1.99
C LEU C 171 24.49 11.65 -2.37
N ARG C 172 25.77 11.84 -1.97
CA ARG C 172 26.82 10.85 -2.16
C ARG C 172 27.36 10.44 -0.80
N ILE C 173 27.20 9.16 -0.44
CA ILE C 173 27.54 8.70 0.90
C ILE C 173 28.40 7.43 0.81
N VAL C 174 29.67 7.55 1.23
CA VAL C 174 30.53 6.39 1.37
C VAL C 174 30.35 5.81 2.78
N HIS C 175 30.47 4.49 2.87
CA HIS C 175 30.29 3.76 4.12
C HIS C 175 31.63 3.13 4.54
N VAL C 176 32.01 3.34 5.80
CA VAL C 176 33.30 2.89 6.30
C VAL C 176 33.23 1.41 6.68
N THR C 177 32.10 0.94 7.23
CA THR C 177 32.08 -0.44 7.71
C THR C 177 31.31 -1.35 6.79
N LEU C 178 29.98 -1.19 6.72
CA LEU C 178 29.08 -1.98 5.87
C LEU C 178 28.51 -3.19 6.61
N HIS C 179 28.50 -4.38 5.99
CA HIS C 179 27.70 -5.51 6.49
C HIS C 179 28.37 -6.33 7.62
N GLU C 180 28.34 -5.80 8.85
CA GLU C 180 28.76 -6.53 10.03
C GLU C 180 27.85 -6.14 11.19
N SER C 181 27.83 -6.95 12.25
CA SER C 181 27.18 -6.57 13.50
C SER C 181 27.70 -5.20 13.89
N VAL C 182 26.81 -4.32 14.38
CA VAL C 182 27.25 -3.01 14.84
C VAL C 182 28.44 -3.19 15.78
N ARG C 183 28.38 -4.22 16.63
CA ARG C 183 29.47 -4.53 17.55
C ARG C 183 30.72 -4.82 16.73
N SER C 184 30.56 -5.69 15.73
CA SER C 184 31.69 -6.06 14.89
C SER C 184 32.27 -4.85 14.17
N ALA C 185 31.39 -3.97 13.66
CA ALA C 185 31.83 -2.75 13.00
C ALA C 185 32.66 -1.89 13.94
N LEU C 186 32.15 -1.67 15.16
CA LEU C 186 32.83 -0.84 16.15
C LEU C 186 34.20 -1.42 16.49
N GLU C 187 34.30 -2.76 16.59
CA GLU C 187 35.58 -3.42 16.85
C GLU C 187 36.55 -3.16 15.70
N ARG C 188 36.04 -3.04 14.46
CA ARG C 188 36.89 -2.87 13.29
C ARG C 188 37.30 -1.40 13.09
N LEU C 189 36.48 -0.45 13.59
CA LEU C 189 36.64 0.95 13.27
C LEU C 189 37.97 1.46 13.83
N SER C 190 38.62 2.34 13.05
CA SER C 190 39.89 2.90 13.44
C SER C 190 40.14 4.16 12.63
N PRO C 191 41.04 5.07 13.07
CA PRO C 191 41.39 6.23 12.26
C PRO C 191 41.76 5.84 10.83
N GLN C 192 42.61 4.83 10.68
CA GLN C 192 43.13 4.43 9.38
C GLN C 192 41.98 3.98 8.45
N LEU C 193 41.03 3.24 9.00
CA LEU C 193 39.96 2.68 8.17
C LEU C 193 39.10 3.83 7.62
N VAL C 194 38.87 4.86 8.44
CA VAL C 194 38.11 6.01 8.00
C VAL C 194 38.89 6.76 6.93
N ILE C 195 40.19 6.95 7.17
CA ILE C 195 41.02 7.68 6.22
C ILE C 195 40.97 6.97 4.86
N ASN C 196 41.04 5.63 4.87
CA ASN C 196 41.01 4.85 3.64
C ASN C 196 39.68 5.06 2.91
N ALA C 197 38.57 4.99 3.66
CA ALA C 197 37.24 5.14 3.09
C ALA C 197 37.10 6.48 2.37
N VAL C 198 37.61 7.54 3.01
CA VAL C 198 37.52 8.88 2.46
C VAL C 198 38.40 9.00 1.23
N ASP C 199 39.63 8.46 1.32
CA ASP C 199 40.56 8.51 0.20
C ASP C 199 39.89 7.91 -1.03
N ALA C 200 39.26 6.74 -0.84
CA ALA C 200 38.57 6.06 -1.93
C ALA C 200 37.44 6.92 -2.49
N ALA C 201 36.64 7.51 -1.59
CA ALA C 201 35.45 8.24 -2.00
C ALA C 201 35.82 9.53 -2.71
N VAL C 202 36.91 10.16 -2.26
CA VAL C 202 37.36 11.44 -2.81
C VAL C 202 37.82 11.26 -4.25
N GLN C 203 38.65 10.23 -4.51
CA GLN C 203 39.05 9.90 -5.86
C GLN C 203 37.82 9.62 -6.73
N THR C 204 36.85 8.88 -6.19
CA THR C 204 35.63 8.58 -6.93
C THR C 204 34.89 9.88 -7.28
N CYS C 205 34.92 10.87 -6.38
CA CYS C 205 34.26 12.15 -6.63
C CYS C 205 34.85 12.84 -7.87
N THR C 206 36.17 12.65 -8.10
CA THR C 206 36.82 13.19 -9.28
C THR C 206 36.11 12.66 -10.53
N LEU C 207 35.99 11.32 -10.60
CA LEU C 207 35.36 10.63 -11.72
C LEU C 207 33.93 11.15 -11.93
N LEU C 208 33.20 11.36 -10.82
CA LEU C 208 31.79 11.66 -10.90
C LEU C 208 31.52 13.09 -11.38
N GLY C 209 32.59 13.91 -11.40
CA GLY C 209 32.50 15.30 -11.83
C GLY C 209 32.40 16.24 -10.63
N VAL C 210 33.20 15.94 -9.61
CA VAL C 210 33.28 16.78 -8.43
C VAL C 210 34.77 16.87 -8.06
N PRO C 211 35.53 17.79 -8.70
CA PRO C 211 36.85 18.17 -8.18
C PRO C 211 36.69 18.88 -6.84
N LYS C 212 37.80 18.94 -6.11
CA LYS C 212 37.84 19.45 -4.74
C LYS C 212 36.44 19.38 -4.11
N PRO C 213 35.96 18.17 -3.72
CA PRO C 213 34.67 18.05 -3.02
C PRO C 213 34.77 18.47 -1.55
N GLN C 214 33.63 18.96 -1.02
CA GLN C 214 33.53 19.29 0.40
C GLN C 214 32.98 18.09 1.15
N VAL C 215 33.72 17.61 2.15
CA VAL C 215 33.42 16.35 2.83
C VAL C 215 32.87 16.63 4.24
N ALA C 216 31.94 15.77 4.66
CA ALA C 216 31.46 15.76 6.03
C ALA C 216 31.48 14.34 6.58
N VAL C 217 32.02 14.20 7.79
CA VAL C 217 32.14 12.90 8.43
C VAL C 217 31.08 12.76 9.51
N PHE C 218 30.32 11.66 9.45
CA PHE C 218 29.30 11.36 10.45
C PHE C 218 29.99 10.95 11.75
N GLY C 219 29.30 11.22 12.87
CA GLY C 219 29.68 10.69 14.16
C GLY C 219 29.32 9.22 14.30
N ILE C 220 30.21 8.46 14.96
CA ILE C 220 29.93 7.08 15.35
C ILE C 220 28.75 7.10 16.32
N ASN C 221 28.91 7.88 17.39
CA ASN C 221 27.89 8.01 18.42
C ASN C 221 26.96 9.17 18.07
N PRO C 222 25.75 9.21 18.65
CA PRO C 222 24.82 10.32 18.43
C PRO C 222 25.51 11.68 18.57
N HIS C 223 25.22 12.58 17.61
CA HIS C 223 25.90 13.86 17.42
C HIS C 223 27.38 13.84 17.78
N ALA C 224 28.03 12.83 17.20
CA ALA C 224 29.48 12.73 17.25
C ALA C 224 29.97 12.66 18.69
N SER C 225 29.15 12.08 19.58
CA SER C 225 29.54 11.82 20.97
C SER C 225 29.34 13.05 21.86
N GLU C 226 29.20 14.25 21.27
CA GLU C 226 28.90 15.47 22.01
C GLU C 226 29.99 15.79 23.02
N GLY C 227 31.21 16.05 22.52
CA GLY C 227 32.38 16.23 23.34
C GLY C 227 32.52 15.18 24.44
N GLN C 228 32.30 13.90 24.10
CA GLN C 228 32.61 12.76 24.94
C GLN C 228 31.63 12.70 26.10
N LEU C 229 30.39 13.16 25.84
CA LEU C 229 29.23 12.93 26.68
C LEU C 229 28.55 11.61 26.35
N PHE C 230 28.51 11.27 25.05
CA PHE C 230 27.86 10.05 24.59
C PHE C 230 28.90 9.11 23.98
N GLY C 231 30.09 9.05 24.60
CA GLY C 231 31.07 8.03 24.23
C GLY C 231 32.45 8.61 23.91
N LEU C 232 33.47 7.76 23.99
CA LEU C 232 34.84 8.15 23.70
C LEU C 232 35.21 7.79 22.26
N GLU C 233 34.33 7.04 21.55
CA GLU C 233 34.68 6.45 20.27
C GLU C 233 35.05 7.54 19.26
N ASP C 234 34.24 8.62 19.20
CA ASP C 234 34.49 9.66 18.22
C ASP C 234 35.81 10.37 18.50
N SER C 235 36.18 10.55 19.77
CA SER C 235 37.44 11.18 20.09
C SER C 235 38.63 10.25 19.78
N GLN C 236 38.40 8.94 19.70
CA GLN C 236 39.50 8.01 19.41
C GLN C 236 39.65 7.73 17.91
N ILE C 237 38.56 7.88 17.13
CA ILE C 237 38.50 7.32 15.78
C ILE C 237 38.26 8.42 14.74
N THR C 238 37.11 9.11 14.83
CA THR C 238 36.70 10.04 13.79
C THR C 238 37.47 11.37 13.91
N VAL C 239 37.79 11.78 15.15
CA VAL C 239 38.42 13.08 15.35
C VAL C 239 39.85 13.01 14.82
N PRO C 240 40.68 12.03 15.25
CA PRO C 240 42.04 11.90 14.69
C PRO C 240 42.03 11.81 13.17
N ALA C 241 41.10 11.00 12.63
CA ALA C 241 40.99 10.78 11.20
C ALA C 241 40.78 12.11 10.47
N VAL C 242 39.91 12.97 10.99
CA VAL C 242 39.59 14.24 10.35
C VAL C 242 40.81 15.16 10.38
N GLU C 243 41.56 15.16 11.49
CA GLU C 243 42.70 16.05 11.61
C GLU C 243 43.79 15.67 10.61
N THR C 244 43.95 14.36 10.32
CA THR C 244 44.92 13.92 9.34
C THR C 244 44.46 14.34 7.94
N LEU C 245 43.20 14.05 7.62
CA LEU C 245 42.61 14.37 6.33
C LEU C 245 42.67 15.87 6.05
N ARG C 246 42.61 16.71 7.10
CA ARG C 246 42.71 18.14 6.93
C ARG C 246 44.10 18.56 6.45
N LYS C 247 45.16 17.91 6.94
CA LYS C 247 46.52 18.23 6.55
C LYS C 247 46.79 17.99 5.05
N ARG C 248 45.86 17.38 4.32
CA ARG C 248 45.77 17.53 2.86
C ARG C 248 44.58 18.43 2.54
N GLY C 249 44.69 19.28 1.51
CA GLY C 249 43.58 20.07 1.01
C GLY C 249 43.72 21.54 1.37
N THR C 251 38.82 20.52 2.55
CA THR C 251 37.60 20.70 3.36
C THR C 251 37.14 19.33 3.86
N VAL C 252 37.39 19.04 5.14
CA VAL C 252 36.66 18.01 5.87
C VAL C 252 36.05 18.63 7.13
N ASP C 253 34.71 18.59 7.24
CA ASP C 253 34.02 19.05 8.43
C ASP C 253 33.66 17.81 9.27
N GLY C 254 33.67 17.95 10.61
CA GLY C 254 33.15 16.91 11.46
C GLY C 254 34.21 16.35 12.41
N PRO C 255 33.96 15.23 13.13
CA PRO C 255 32.71 14.48 13.07
C PRO C 255 31.53 15.29 13.58
N MET C 256 30.40 15.20 12.86
CA MET C 256 29.17 15.90 13.22
C MET C 256 28.04 14.87 13.21
N GLY C 257 26.95 15.22 13.89
CA GLY C 257 25.78 14.35 13.93
C GLY C 257 25.24 14.14 12.52
N ALA C 258 25.13 12.88 12.11
CA ALA C 258 24.65 12.53 10.79
C ALA C 258 23.35 13.31 10.46
N ASP C 259 22.43 13.28 11.42
CA ASP C 259 21.12 13.89 11.26
C ASP C 259 21.22 15.36 10.89
N MET C 260 22.10 16.08 11.59
CA MET C 260 22.22 17.53 11.44
C MET C 260 22.83 17.86 10.09
N VAL C 261 23.98 17.24 9.78
CA VAL C 261 24.77 17.63 8.62
C VAL C 261 23.96 17.39 7.35
N LEU C 262 23.29 16.24 7.28
CA LEU C 262 22.57 15.87 6.07
C LEU C 262 21.52 16.93 5.76
N ALA C 263 20.83 17.41 6.82
CA ALA C 263 19.74 18.35 6.65
C ALA C 263 20.24 19.68 6.06
N GLN C 264 21.51 20.00 6.27
CA GLN C 264 22.10 21.26 5.80
C GLN C 264 22.29 21.23 4.29
N ARG C 265 22.72 20.08 3.76
CA ARG C 265 22.92 19.89 2.32
C ARG C 265 23.91 20.92 1.76
N LYS C 266 25.07 21.03 2.42
CA LYS C 266 26.11 21.97 2.01
C LYS C 266 27.41 21.23 1.73
N HIS C 267 27.33 19.90 1.53
CA HIS C 267 28.51 19.08 1.27
C HIS C 267 28.26 18.18 0.05
N ASP C 268 29.37 17.72 -0.55
CA ASP C 268 29.32 16.94 -1.76
C ASP C 268 29.40 15.46 -1.41
N LEU C 269 30.12 15.14 -0.32
CA LEU C 269 30.34 13.77 0.09
C LEU C 269 30.11 13.64 1.58
N TYR C 270 29.41 12.58 2.00
CA TYR C 270 29.21 12.27 3.40
C TYR C 270 29.81 10.90 3.71
N VAL C 271 30.31 10.75 4.94
CA VAL C 271 31.07 9.56 5.33
C VAL C 271 30.34 8.88 6.48
N ALA C 272 29.53 7.88 6.15
CA ALA C 272 28.79 7.15 7.16
C ALA C 272 29.70 6.15 7.86
N MET C 273 29.48 5.95 9.15
CA MET C 273 30.26 5.00 9.93
C MET C 273 29.60 3.63 9.91
N LEU C 274 28.26 3.59 9.72
CA LEU C 274 27.51 2.34 9.72
C LEU C 274 26.54 2.31 8.54
N HIS C 275 26.24 1.09 8.08
CA HIS C 275 25.32 0.82 6.98
C HIS C 275 24.10 1.74 7.03
N ASP C 276 23.36 1.72 8.15
CA ASP C 276 22.03 2.32 8.20
C ASP C 276 22.13 3.84 8.10
N GLN C 277 23.21 4.42 8.64
CA GLN C 277 23.37 5.86 8.62
C GLN C 277 23.28 6.39 7.20
N GLY C 278 23.90 5.68 6.26
CA GLY C 278 23.97 6.12 4.88
C GLY C 278 22.85 5.58 4.02
N HIS C 279 22.36 4.38 4.36
CA HIS C 279 21.38 3.70 3.53
C HIS C 279 19.99 4.33 3.69
N ILE C 280 19.63 4.71 4.94
CA ILE C 280 18.32 5.25 5.24
C ILE C 280 18.04 6.48 4.38
N PRO C 281 18.90 7.52 4.41
CA PRO C 281 18.64 8.73 3.62
C PRO C 281 18.46 8.46 2.13
N ILE C 282 19.41 7.71 1.57
CA ILE C 282 19.44 7.48 0.12
C ILE C 282 18.13 6.83 -0.32
N LYS C 283 17.75 5.74 0.36
CA LYS C 283 16.59 4.97 -0.03
C LYS C 283 15.30 5.78 0.17
N LEU C 284 15.32 6.69 1.15
CA LEU C 284 14.14 7.50 1.44
C LEU C 284 13.90 8.52 0.33
N LEU C 285 14.95 9.21 -0.11
CA LEU C 285 14.84 10.23 -1.14
C LEU C 285 14.87 9.63 -2.54
N ALA C 286 15.45 8.43 -2.69
CA ALA C 286 15.59 7.82 -4.02
C ALA C 286 15.28 6.33 -3.96
N PRO C 287 13.99 5.94 -3.77
CA PRO C 287 13.60 4.53 -3.85
C PRO C 287 13.68 3.94 -5.26
N ASN C 288 13.93 4.81 -6.26
CA ASN C 288 14.49 4.43 -7.55
C ASN C 288 15.38 5.57 -8.02
N GLY C 289 16.40 5.23 -8.81
CA GLY C 289 17.39 6.17 -9.28
C GLY C 289 18.48 6.36 -8.23
N ALA C 290 18.81 5.27 -7.51
CA ALA C 290 19.98 5.26 -6.63
C ALA C 290 21.03 4.30 -7.17
N SER C 291 22.27 4.78 -7.25
CA SER C 291 23.36 3.95 -7.71
C SER C 291 24.18 3.45 -6.52
N ALA C 292 24.68 2.22 -6.66
CA ALA C 292 25.58 1.61 -5.70
C ALA C 292 26.94 1.42 -6.35
N LEU C 293 27.96 2.11 -5.82
CA LEU C 293 29.29 2.13 -6.41
C LEU C 293 30.25 1.41 -5.46
N SER C 294 30.82 0.31 -5.94
CA SER C 294 31.92 -0.36 -5.25
C SER C 294 33.23 0.24 -5.75
N ILE C 295 34.07 0.68 -4.80
CA ILE C 295 35.28 1.41 -5.13
C ILE C 295 36.48 0.77 -4.42
N GLY C 296 37.50 0.43 -5.22
CA GLY C 296 38.74 -0.15 -4.73
C GLY C 296 39.89 0.07 -5.72
N GLY C 297 40.96 0.70 -5.23
CA GLY C 297 42.18 0.95 -5.98
C GLY C 297 41.97 1.63 -7.33
N ARG C 298 41.10 2.66 -7.39
CA ARG C 298 40.82 3.43 -8.60
C ARG C 298 39.83 2.71 -9.53
N VAL C 299 39.32 1.54 -9.16
CA VAL C 299 38.22 0.92 -9.89
C VAL C 299 36.91 1.32 -9.22
N VAL C 300 36.02 1.89 -10.03
CA VAL C 300 34.67 2.27 -9.64
C VAL C 300 33.71 1.38 -10.43
N LEU C 301 32.88 0.60 -9.72
CA LEU C 301 31.94 -0.31 -10.36
C LEU C 301 30.54 -0.02 -9.84
N SER C 302 29.59 0.15 -10.77
CA SER C 302 28.18 0.31 -10.41
C SER C 302 27.35 -0.82 -11.00
N SER C 303 26.44 -1.36 -10.19
CA SER C 303 25.40 -2.24 -10.67
C SER C 303 24.34 -1.41 -11.38
N VAL C 304 23.36 -2.11 -11.95
CA VAL C 304 22.09 -1.52 -12.32
C VAL C 304 21.09 -1.88 -11.21
N GLY C 305 20.08 -1.05 -10.98
CA GLY C 305 19.26 -1.19 -9.79
C GLY C 305 18.29 -2.38 -9.82
N HIS C 306 18.34 -3.21 -10.88
CA HIS C 306 17.33 -4.24 -11.06
C HIS C 306 17.97 -5.59 -11.38
N GLY C 307 17.15 -6.65 -11.29
CA GLY C 307 17.58 -8.02 -11.52
C GLY C 307 17.48 -8.42 -12.99
N SER C 308 17.77 -9.71 -13.25
CA SER C 308 18.01 -10.23 -14.60
C SER C 308 16.70 -10.51 -15.32
N ALA C 309 15.59 -10.62 -14.59
CA ALA C 309 14.27 -10.74 -15.19
C ALA C 309 14.14 -11.94 -16.13
N MET C 310 14.45 -13.13 -15.62
CA MET C 310 14.56 -14.31 -16.44
C MET C 310 13.27 -14.60 -17.21
N ASP C 311 12.12 -14.29 -16.59
CA ASP C 311 10.85 -14.64 -17.20
C ASP C 311 10.64 -13.85 -18.49
N ILE C 312 11.27 -12.67 -18.64
CA ILE C 312 11.03 -11.84 -19.82
C ILE C 312 12.29 -11.72 -20.70
N ALA C 313 13.37 -12.43 -20.32
CA ALA C 313 14.58 -12.45 -21.12
C ALA C 313 14.27 -12.77 -22.57
N GLY C 314 14.63 -11.84 -23.46
CA GLY C 314 14.46 -12.02 -24.90
C GLY C 314 13.02 -11.91 -25.37
N ARG C 315 12.16 -11.23 -24.60
CA ARG C 315 10.78 -10.99 -25.02
C ARG C 315 10.60 -9.52 -25.41
N GLY C 316 11.70 -8.76 -25.43
CA GLY C 316 11.68 -7.37 -25.88
C GLY C 316 10.92 -6.45 -24.93
N VAL C 317 10.99 -6.73 -23.64
CA VAL C 317 10.06 -6.14 -22.66
C VAL C 317 10.81 -5.24 -21.68
N ALA C 318 12.09 -5.53 -21.45
CA ALA C 318 12.88 -4.69 -20.56
C ALA C 318 13.40 -3.45 -21.30
N ASP C 319 13.24 -2.27 -20.66
CA ASP C 319 13.78 -1.03 -21.18
C ASP C 319 15.11 -0.81 -20.43
N ALA C 320 15.89 0.18 -20.90
CA ALA C 320 17.26 0.33 -20.44
C ALA C 320 17.46 1.67 -19.77
N THR C 321 16.41 2.22 -19.14
CA THR C 321 16.50 3.56 -18.58
C THR C 321 17.45 3.57 -17.38
N ALA C 322 17.31 2.58 -16.50
CA ALA C 322 18.17 2.44 -15.34
C ALA C 322 19.65 2.35 -15.75
N LEU C 323 19.96 1.48 -16.74
CA LEU C 323 21.32 1.35 -17.25
C LEU C 323 21.82 2.69 -17.80
N LEU C 324 20.98 3.36 -18.59
CA LEU C 324 21.34 4.62 -19.22
C LEU C 324 21.66 5.67 -18.15
N ARG C 325 20.89 5.67 -17.06
CA ARG C 325 21.08 6.59 -15.95
C ARG C 325 22.41 6.29 -15.25
N THR C 326 22.77 5.01 -15.16
CA THR C 326 24.02 4.56 -14.58
C THR C 326 25.22 5.01 -15.42
N ILE C 327 25.04 4.99 -16.75
CA ILE C 327 26.04 5.47 -17.69
C ILE C 327 26.19 6.99 -17.55
N ALA C 328 25.08 7.71 -17.40
CA ALA C 328 25.10 9.16 -17.22
C ALA C 328 25.84 9.53 -15.95
N LEU C 329 25.72 8.71 -14.90
CA LEU C 329 26.35 9.00 -13.61
C LEU C 329 27.88 8.84 -13.70
N LEU C 330 28.32 7.66 -14.15
CA LEU C 330 29.74 7.36 -14.25
C LEU C 330 30.36 8.10 -15.45
N GLY C 331 29.53 8.68 -16.33
CA GLY C 331 30.01 9.43 -17.47
C GLY C 331 30.05 10.93 -17.21
N ALA C 332 30.29 11.75 -18.24
CA ALA C 332 30.22 13.19 -18.14
C ALA C 332 30.73 13.65 -16.76
N MET D 21 -1.60 8.01 -34.48
CA MET D 21 -2.25 6.80 -35.05
C MET D 21 -3.16 6.16 -34.02
N THR D 22 -4.46 6.02 -34.36
CA THR D 22 -5.46 5.39 -33.50
C THR D 22 -5.30 3.87 -33.58
N ILE D 23 -5.39 3.18 -32.43
CA ILE D 23 -5.33 1.73 -32.43
C ILE D 23 -6.52 1.09 -31.73
N VAL D 24 -7.27 1.87 -30.91
CA VAL D 24 -8.39 1.35 -30.15
C VAL D 24 -9.68 1.77 -30.84
N HIS D 25 -10.38 0.82 -31.45
CA HIS D 25 -11.60 1.13 -32.16
C HIS D 25 -12.82 0.50 -31.49
N ARG D 26 -12.68 0.06 -30.24
CA ARG D 26 -13.80 -0.56 -29.53
C ARG D 26 -13.49 -0.63 -28.03
N ARG D 27 -14.50 -1.08 -27.27
CA ARG D 27 -14.45 -1.06 -25.82
C ARG D 27 -13.75 -2.33 -25.34
N LEU D 28 -12.68 -2.14 -24.55
CA LEU D 28 -11.87 -3.22 -24.03
C LEU D 28 -11.83 -3.15 -22.51
N ALA D 29 -11.73 -4.32 -21.89
CA ALA D 29 -11.46 -4.45 -20.46
C ALA D 29 -10.00 -4.85 -20.25
N LEU D 30 -9.31 -4.11 -19.39
CA LEU D 30 -7.92 -4.41 -19.07
C LEU D 30 -7.80 -4.83 -17.61
N ALA D 31 -7.67 -6.15 -17.38
CA ALA D 31 -7.33 -6.70 -16.06
C ALA D 31 -5.84 -6.54 -15.81
N ILE D 32 -5.47 -5.98 -14.67
CA ILE D 32 -4.11 -5.50 -14.47
C ILE D 32 -3.17 -6.60 -14.00
N GLY D 33 -3.68 -7.82 -13.84
CA GLY D 33 -2.83 -8.96 -13.52
C GLY D 33 -2.35 -8.94 -12.05
N ASP D 34 -1.20 -9.58 -11.80
CA ASP D 34 -0.66 -9.63 -10.45
C ASP D 34 -0.28 -8.22 -10.02
N PRO D 35 -0.91 -7.69 -8.94
CA PRO D 35 -0.70 -6.30 -8.53
C PRO D 35 0.66 -6.03 -7.91
N HIS D 36 1.39 -7.09 -7.56
CA HIS D 36 2.78 -6.95 -7.15
C HIS D 36 3.74 -6.96 -8.35
N GLY D 37 3.25 -7.32 -9.54
CA GLY D 37 4.11 -7.44 -10.72
C GLY D 37 4.16 -6.14 -11.52
N ILE D 38 4.50 -6.27 -12.80
CA ILE D 38 4.65 -5.13 -13.70
C ILE D 38 3.33 -4.78 -14.36
N GLY D 39 2.32 -5.65 -14.20
CA GLY D 39 1.01 -5.46 -14.79
C GLY D 39 0.49 -4.05 -14.61
N PRO D 40 0.39 -3.53 -13.36
CA PRO D 40 -0.07 -2.16 -13.12
C PRO D 40 0.72 -1.10 -13.88
N GLU D 41 2.05 -1.25 -13.85
CA GLU D 41 2.98 -0.31 -14.48
C GLU D 41 2.75 -0.27 -15.99
N ILE D 42 2.75 -1.43 -16.66
CA ILE D 42 2.57 -1.47 -18.09
C ILE D 42 1.16 -0.99 -18.47
N ALA D 43 0.19 -1.22 -17.60
CA ALA D 43 -1.16 -0.73 -17.84
C ALA D 43 -1.14 0.80 -17.96
N LEU D 44 -0.48 1.48 -17.01
CA LEU D 44 -0.46 2.94 -17.00
C LEU D 44 0.35 3.43 -18.19
N LYS D 45 1.49 2.77 -18.45
CA LYS D 45 2.40 3.18 -19.51
C LYS D 45 1.70 3.07 -20.86
N ALA D 46 0.92 2.00 -21.06
CA ALA D 46 0.21 1.78 -22.32
C ALA D 46 -0.87 2.84 -22.52
N LEU D 47 -1.70 3.03 -21.48
CA LEU D 47 -2.78 3.99 -21.51
C LEU D 47 -2.25 5.40 -21.76
N GLN D 48 -1.09 5.74 -21.19
CA GLN D 48 -0.52 7.06 -21.34
C GLN D 48 -0.25 7.36 -22.82
N GLN D 49 0.19 6.35 -23.58
CA GLN D 49 0.55 6.53 -24.97
C GLN D 49 -0.67 6.67 -25.87
N LEU D 50 -1.84 6.25 -25.38
CA LEU D 50 -3.07 6.39 -26.11
C LEU D 50 -3.60 7.81 -25.95
N SER D 51 -4.46 8.23 -26.89
CA SER D 51 -5.17 9.50 -26.82
C SER D 51 -6.29 9.40 -25.77
N ALA D 52 -6.88 10.55 -25.44
CA ALA D 52 -7.98 10.63 -24.47
C ALA D 52 -9.16 9.79 -24.94
N THR D 53 -9.52 9.94 -26.21
CA THR D 53 -10.62 9.18 -26.80
C THR D 53 -10.38 7.69 -26.64
N GLU D 54 -9.14 7.26 -26.91
CA GLU D 54 -8.79 5.84 -26.79
C GLU D 54 -8.93 5.36 -25.36
N ARG D 55 -8.57 6.21 -24.40
CA ARG D 55 -8.57 5.85 -23.00
C ARG D 55 -10.00 5.67 -22.52
N SER D 56 -10.93 6.42 -23.09
CA SER D 56 -12.32 6.33 -22.70
C SER D 56 -12.93 5.01 -23.15
N LEU D 57 -12.24 4.27 -24.02
CA LEU D 57 -12.72 2.95 -24.46
C LEU D 57 -12.14 1.81 -23.63
N ILE D 58 -11.22 2.09 -22.71
CA ILE D 58 -10.58 1.03 -21.95
C ILE D 58 -10.98 1.14 -20.47
N LYS D 59 -11.70 0.13 -19.99
CA LYS D 59 -12.08 0.05 -18.59
C LYS D 59 -11.07 -0.87 -17.88
N VAL D 60 -10.40 -0.33 -16.87
CA VAL D 60 -9.35 -1.02 -16.14
C VAL D 60 -9.94 -1.75 -14.93
N TYR D 61 -9.65 -3.05 -14.81
CA TYR D 61 -10.12 -3.86 -13.70
C TYR D 61 -8.93 -4.25 -12.83
N GLY D 62 -9.05 -4.01 -11.52
CA GLY D 62 -7.99 -4.31 -10.58
C GLY D 62 -8.01 -3.37 -9.39
N PRO D 63 -7.18 -3.63 -8.35
CA PRO D 63 -7.16 -2.80 -7.15
C PRO D 63 -6.59 -1.42 -7.42
N TRP D 64 -7.25 -0.39 -6.91
CA TRP D 64 -6.82 0.99 -7.12
C TRP D 64 -5.48 1.28 -6.44
N SER D 65 -5.19 0.61 -5.32
CA SER D 65 -3.94 0.83 -4.59
C SER D 65 -2.75 0.48 -5.50
N ALA D 66 -2.83 -0.68 -6.18
CA ALA D 66 -1.80 -1.09 -7.11
C ALA D 66 -1.54 -0.01 -8.15
N LEU D 67 -2.61 0.62 -8.65
CA LEU D 67 -2.48 1.63 -9.69
C LEU D 67 -1.90 2.92 -9.13
N GLU D 68 -2.21 3.23 -7.86
CA GLU D 68 -1.66 4.42 -7.22
C GLU D 68 -0.16 4.21 -7.01
N GLN D 69 0.20 3.03 -6.55
CA GLN D 69 1.59 2.62 -6.37
C GLN D 69 2.37 2.80 -7.67
N ALA D 70 1.85 2.29 -8.79
CA ALA D 70 2.57 2.34 -10.04
C ALA D 70 2.70 3.79 -10.53
N ALA D 71 1.67 4.59 -10.27
CA ALA D 71 1.65 5.99 -10.65
C ALA D 71 2.78 6.76 -9.95
N GLN D 72 2.95 6.48 -8.64
CA GLN D 72 3.85 7.26 -7.79
C GLN D 72 5.31 6.91 -8.12
N ILE D 73 5.55 5.66 -8.52
CA ILE D 73 6.89 5.25 -8.90
C ILE D 73 7.24 5.81 -10.27
N CYS D 74 6.23 5.92 -11.15
CA CYS D 74 6.44 6.26 -12.54
C CYS D 74 6.10 7.71 -12.87
N GLN D 75 5.68 8.49 -11.85
CA GLN D 75 5.37 9.90 -12.01
C GLN D 75 4.25 10.09 -13.06
N MET D 76 3.11 9.43 -12.85
CA MET D 76 2.00 9.51 -13.78
C MET D 76 0.67 9.71 -13.04
N GLU D 77 0.68 10.50 -11.96
CA GLU D 77 -0.53 10.74 -11.19
C GLU D 77 -1.60 11.43 -12.04
N SER D 78 -1.17 12.36 -12.93
CA SER D 78 -2.07 13.08 -13.80
C SER D 78 -3.04 12.12 -14.50
N LEU D 79 -2.55 10.93 -14.86
CA LEU D 79 -3.28 10.01 -15.71
C LEU D 79 -4.46 9.35 -14.98
N LEU D 80 -4.34 9.18 -13.66
CA LEU D 80 -5.32 8.40 -12.92
C LEU D 80 -6.71 9.00 -13.01
N GLN D 81 -6.78 10.35 -13.10
CA GLN D 81 -8.04 11.07 -13.25
C GLN D 81 -8.81 10.57 -14.47
N ASP D 82 -8.11 10.47 -15.63
CA ASP D 82 -8.77 10.26 -16.91
C ASP D 82 -8.93 8.77 -17.19
N LEU D 83 -8.94 7.95 -16.13
CA LEU D 83 -8.91 6.49 -16.27
C LEU D 83 -10.28 5.94 -15.90
N ILE D 84 -10.93 5.21 -16.80
CA ILE D 84 -12.15 4.51 -16.40
C ILE D 84 -11.75 3.26 -15.62
N HIS D 85 -12.36 3.05 -14.46
CA HIS D 85 -11.88 2.02 -13.54
C HIS D 85 -13.01 1.34 -12.78
N GLU D 86 -12.87 0.05 -12.53
CA GLU D 86 -13.75 -0.70 -11.64
C GLU D 86 -12.85 -1.46 -10.66
N GLU D 87 -13.08 -1.21 -9.37
CA GLU D 87 -12.35 -1.89 -8.33
C GLU D 87 -12.60 -3.39 -8.43
N ALA D 88 -11.53 -4.16 -8.52
CA ALA D 88 -11.59 -5.62 -8.43
C ALA D 88 -10.31 -6.10 -7.77
N GLY D 89 -10.38 -7.28 -7.14
CA GLY D 89 -9.22 -7.86 -6.50
C GLY D 89 -8.58 -6.91 -5.50
N SER D 90 -9.41 -6.24 -4.68
CA SER D 90 -8.90 -5.35 -3.65
C SER D 90 -7.97 -6.11 -2.70
N LEU D 91 -6.99 -5.40 -2.13
CA LEU D 91 -6.00 -5.97 -1.24
C LEU D 91 -6.30 -5.53 0.19
N ALA D 92 -6.06 -6.44 1.16
CA ALA D 92 -6.32 -6.17 2.56
C ALA D 92 -5.09 -5.56 3.25
N GLN D 93 -4.01 -5.38 2.48
CA GLN D 93 -2.76 -4.86 3.00
C GLN D 93 -2.08 -4.05 1.90
N PRO D 94 -1.12 -3.16 2.25
CA PRO D 94 -0.35 -2.44 1.24
C PRO D 94 0.26 -3.32 0.16
N VAL D 95 0.56 -2.72 -0.99
CA VAL D 95 1.19 -3.41 -2.11
C VAL D 95 2.66 -3.61 -1.80
N GLN D 96 3.13 -4.86 -2.02
CA GLN D 96 4.52 -5.24 -1.87
C GLN D 96 5.10 -5.60 -3.24
N CYS D 97 5.56 -4.59 -3.99
CA CYS D 97 6.13 -4.85 -5.30
C CYS D 97 7.20 -5.95 -5.20
N GLY D 98 7.12 -6.94 -6.09
CA GLY D 98 8.19 -7.92 -6.28
C GLY D 98 8.05 -9.16 -5.39
N GLU D 99 6.99 -9.21 -4.57
CA GLU D 99 6.77 -10.33 -3.67
C GLU D 99 5.66 -11.21 -4.22
N ILE D 100 5.87 -12.52 -4.12
CA ILE D 100 4.87 -13.52 -4.44
C ILE D 100 4.03 -13.77 -3.20
N THR D 101 2.73 -13.45 -3.25
CA THR D 101 1.82 -13.70 -2.14
C THR D 101 0.52 -14.28 -2.68
N PRO D 102 -0.17 -15.14 -1.88
CA PRO D 102 -1.51 -15.60 -2.24
C PRO D 102 -2.50 -14.44 -2.39
N GLN D 103 -2.27 -13.35 -1.66
CA GLN D 103 -3.12 -12.17 -1.75
C GLN D 103 -3.10 -11.66 -3.18
N ALA D 104 -1.89 -11.55 -3.75
CA ALA D 104 -1.73 -11.05 -5.11
C ALA D 104 -2.32 -12.04 -6.10
N GLY D 105 -2.22 -13.35 -5.77
CA GLY D 105 -2.76 -14.40 -6.61
C GLY D 105 -4.27 -14.29 -6.77
N LEU D 106 -4.96 -14.05 -5.66
CA LEU D 106 -6.40 -13.89 -5.66
C LEU D 106 -6.81 -12.61 -6.40
N SER D 107 -6.13 -11.51 -6.08
CA SER D 107 -6.38 -10.24 -6.74
C SER D 107 -6.41 -10.46 -8.26
N THR D 108 -5.39 -11.16 -8.75
CA THR D 108 -5.21 -11.47 -10.17
C THR D 108 -6.46 -12.10 -10.75
N VAL D 109 -6.96 -13.12 -10.05
CA VAL D 109 -8.03 -13.94 -10.59
C VAL D 109 -9.34 -13.18 -10.51
N GLN D 110 -9.48 -12.34 -9.48
CA GLN D 110 -10.69 -11.55 -9.28
C GLN D 110 -10.79 -10.45 -10.33
N SER D 111 -9.66 -9.78 -10.60
CA SER D 111 -9.61 -8.77 -11.63
C SER D 111 -9.98 -9.35 -12.99
N ALA D 112 -9.40 -10.52 -13.33
CA ALA D 112 -9.63 -11.12 -14.64
C ALA D 112 -11.09 -11.58 -14.76
N THR D 113 -11.62 -12.13 -13.66
CA THR D 113 -12.99 -12.58 -13.57
C THR D 113 -13.95 -11.40 -13.78
N ALA D 114 -13.60 -10.22 -13.24
CA ALA D 114 -14.45 -9.05 -13.41
C ALA D 114 -14.43 -8.63 -14.87
N ALA D 115 -13.21 -8.56 -15.45
CA ALA D 115 -13.06 -8.17 -16.84
C ALA D 115 -13.91 -9.06 -17.74
N ILE D 116 -13.85 -10.38 -17.50
CA ILE D 116 -14.55 -11.33 -18.32
C ILE D 116 -16.05 -11.14 -18.18
N ARG D 117 -16.53 -10.88 -16.95
CA ARG D 117 -17.95 -10.73 -16.69
C ARG D 117 -18.46 -9.48 -17.40
N ALA D 118 -17.63 -8.45 -17.48
CA ALA D 118 -17.98 -7.23 -18.20
C ALA D 118 -18.13 -7.51 -19.70
N CYS D 119 -17.28 -8.40 -20.22
CA CYS D 119 -17.35 -8.78 -21.62
C CYS D 119 -18.59 -9.67 -21.85
N GLU D 120 -18.80 -10.67 -20.99
CA GLU D 120 -19.96 -11.54 -21.06
C GLU D 120 -21.25 -10.71 -21.11
N SER D 121 -21.31 -9.67 -20.30
CA SER D 121 -22.55 -8.91 -20.14
C SER D 121 -22.76 -7.95 -21.30
N GLY D 122 -21.72 -7.70 -22.11
CA GLY D 122 -21.85 -6.84 -23.27
C GLY D 122 -21.36 -5.42 -23.03
N GLU D 123 -20.79 -5.16 -21.85
CA GLU D 123 -20.30 -3.83 -21.52
C GLU D 123 -19.01 -3.54 -22.31
N VAL D 124 -18.21 -4.59 -22.59
CA VAL D 124 -17.04 -4.45 -23.44
C VAL D 124 -17.01 -5.59 -24.47
N ASP D 125 -16.20 -5.42 -25.53
CA ASP D 125 -16.13 -6.40 -26.60
C ASP D 125 -14.95 -7.36 -26.48
N ALA D 126 -13.95 -7.03 -25.66
CA ALA D 126 -12.86 -7.96 -25.47
C ALA D 126 -12.11 -7.65 -24.17
N VAL D 127 -11.28 -8.62 -23.76
CA VAL D 127 -10.58 -8.59 -22.51
C VAL D 127 -9.10 -8.84 -22.77
N ILE D 128 -8.26 -8.04 -22.09
CA ILE D 128 -6.83 -8.23 -22.08
C ILE D 128 -6.43 -8.44 -20.62
N ALA D 129 -5.75 -9.55 -20.36
CA ALA D 129 -5.23 -9.84 -19.03
C ALA D 129 -3.72 -9.58 -19.01
N CYS D 130 -3.31 -8.65 -18.12
CA CYS D 130 -1.90 -8.43 -17.85
C CYS D 130 -1.30 -9.64 -17.13
N PRO D 131 0.04 -9.70 -16.98
CA PRO D 131 0.69 -10.89 -16.43
C PRO D 131 0.30 -11.32 -15.02
N HIS D 132 0.12 -12.62 -14.85
CA HIS D 132 -0.10 -13.28 -13.57
C HIS D 132 1.19 -13.94 -13.08
N HIS D 133 1.16 -14.52 -11.89
CA HIS D 133 2.23 -15.37 -11.37
C HIS D 133 1.57 -16.66 -10.88
N GLU D 134 1.93 -17.78 -11.51
CA GLU D 134 1.31 -19.07 -11.23
C GLU D 134 1.45 -19.44 -9.76
N THR D 135 2.62 -19.17 -9.18
CA THR D 135 2.88 -19.53 -7.79
C THR D 135 1.93 -18.77 -6.88
N ALA D 136 1.81 -17.45 -7.14
CA ALA D 136 0.92 -16.58 -6.40
C ALA D 136 -0.49 -17.16 -6.41
N ILE D 137 -0.99 -17.48 -7.60
CA ILE D 137 -2.35 -17.96 -7.76
C ILE D 137 -2.48 -19.32 -7.06
N HIS D 138 -1.45 -20.17 -7.22
CA HIS D 138 -1.50 -21.51 -6.64
C HIS D 138 -1.49 -21.43 -5.12
N ARG D 139 -0.69 -20.51 -4.56
CA ARG D 139 -0.58 -20.43 -3.11
C ARG D 139 -1.90 -19.96 -2.48
N ALA D 140 -2.73 -19.30 -3.28
CA ALA D 140 -4.06 -18.87 -2.86
C ALA D 140 -5.04 -20.03 -2.84
N GLY D 141 -4.60 -21.23 -3.30
CA GLY D 141 -5.44 -22.41 -3.30
C GLY D 141 -6.37 -22.44 -4.51
N ILE D 142 -6.00 -21.71 -5.57
CA ILE D 142 -6.80 -21.61 -6.76
C ILE D 142 -6.12 -22.44 -7.86
N ALA D 143 -6.90 -23.36 -8.44
CA ALA D 143 -6.48 -24.09 -9.63
C ALA D 143 -6.45 -23.19 -10.86
N PHE D 144 -5.35 -23.23 -11.61
CA PHE D 144 -5.23 -22.44 -12.83
C PHE D 144 -4.33 -23.15 -13.83
N SER D 145 -4.93 -23.60 -14.94
CA SER D 145 -4.17 -24.25 -16.01
C SER D 145 -3.82 -23.27 -17.12
N GLY D 146 -4.54 -22.14 -17.19
CA GLY D 146 -4.41 -21.20 -18.29
C GLY D 146 -5.62 -20.27 -18.37
N TYR D 147 -5.63 -19.37 -19.35
CA TYR D 147 -6.74 -18.44 -19.54
C TYR D 147 -7.91 -19.17 -20.20
N PRO D 148 -7.69 -20.18 -21.08
CA PRO D 148 -8.82 -20.95 -21.63
C PRO D 148 -9.71 -21.59 -20.57
N SER D 149 -9.08 -22.28 -19.61
CA SER D 149 -9.80 -22.92 -18.54
C SER D 149 -10.52 -21.89 -17.67
N LEU D 150 -9.80 -20.85 -17.23
CA LEU D 150 -10.39 -19.80 -16.40
C LEU D 150 -11.63 -19.25 -17.09
N LEU D 151 -11.53 -18.97 -18.39
CA LEU D 151 -12.63 -18.39 -19.13
C LEU D 151 -13.81 -19.36 -19.13
N ALA D 152 -13.53 -20.66 -19.20
CA ALA D 152 -14.55 -21.69 -19.16
C ALA D 152 -15.34 -21.63 -17.84
N ASN D 153 -14.61 -21.68 -16.71
CA ASN D 153 -15.21 -21.59 -15.37
C ASN D 153 -16.11 -20.37 -15.24
N VAL D 154 -15.58 -19.20 -15.57
CA VAL D 154 -16.29 -17.95 -15.31
C VAL D 154 -17.62 -17.95 -16.06
N LEU D 155 -17.60 -18.40 -17.32
CA LEU D 155 -18.80 -18.44 -18.13
C LEU D 155 -19.64 -19.69 -17.84
N GLY D 156 -19.03 -20.66 -17.15
CA GLY D 156 -19.71 -21.91 -16.78
C GLY D 156 -19.87 -22.84 -17.98
N MET D 157 -18.86 -22.88 -18.84
CA MET D 157 -18.88 -23.72 -20.02
C MET D 157 -17.87 -24.84 -19.83
N ASN D 158 -18.01 -25.90 -20.64
CA ASN D 158 -17.04 -26.97 -20.66
C ASN D 158 -15.74 -26.42 -21.25
N GLU D 159 -14.61 -26.96 -20.78
CA GLU D 159 -13.29 -26.55 -21.23
C GLU D 159 -13.15 -26.72 -22.76
N ASP D 160 -13.88 -27.68 -23.34
CA ASP D 160 -13.76 -28.01 -24.76
C ASP D 160 -14.63 -27.11 -25.63
N GLU D 161 -15.49 -26.27 -25.02
CA GLU D 161 -16.34 -25.33 -25.75
C GLU D 161 -15.70 -23.94 -25.81
N VAL D 162 -14.44 -23.86 -25.35
CA VAL D 162 -13.60 -22.69 -25.50
C VAL D 162 -12.42 -23.06 -26.39
N PHE D 163 -12.04 -22.15 -27.29
CA PHE D 163 -11.03 -22.48 -28.27
C PHE D 163 -9.90 -21.48 -28.16
N LEU D 164 -8.68 -21.99 -28.39
CA LEU D 164 -7.49 -21.14 -28.46
C LEU D 164 -7.21 -20.85 -29.93
N MET D 165 -7.12 -19.55 -30.26
CA MET D 165 -6.61 -19.09 -31.54
C MET D 165 -5.26 -18.40 -31.31
N LEU D 166 -4.22 -18.88 -32.00
CA LEU D 166 -2.93 -18.21 -32.00
C LEU D 166 -2.90 -17.25 -33.18
N VAL D 167 -2.23 -16.11 -32.98
CA VAL D 167 -2.11 -15.07 -34.00
C VAL D 167 -0.68 -14.59 -34.01
N GLY D 168 -0.03 -14.62 -35.17
CA GLY D 168 1.38 -14.26 -35.30
C GLY D 168 1.86 -14.43 -36.75
N ALA D 169 2.74 -13.51 -37.16
CA ALA D 169 3.31 -13.48 -38.51
C ALA D 169 2.22 -13.61 -39.58
N GLY D 170 1.09 -12.92 -39.42
CA GLY D 170 0.03 -12.93 -40.42
C GLY D 170 -0.88 -14.15 -40.32
N LEU D 171 -0.50 -15.15 -39.51
CA LEU D 171 -1.25 -16.39 -39.39
C LEU D 171 -2.23 -16.29 -38.24
N ARG D 172 -3.50 -16.66 -38.48
CA ARG D 172 -4.49 -16.87 -37.42
C ARG D 172 -4.94 -18.31 -37.46
N ILE D 173 -4.70 -19.04 -36.36
CA ILE D 173 -4.98 -20.47 -36.29
C ILE D 173 -5.79 -20.80 -35.05
N VAL D 174 -7.05 -21.22 -35.26
CA VAL D 174 -7.89 -21.72 -34.19
C VAL D 174 -7.64 -23.23 -34.08
N HIS D 175 -7.70 -23.74 -32.85
CA HIS D 175 -7.45 -25.13 -32.53
C HIS D 175 -8.74 -25.78 -32.03
N VAL D 176 -9.11 -26.93 -32.62
CA VAL D 176 -10.37 -27.56 -32.32
C VAL D 176 -10.23 -28.37 -31.02
N THR D 177 -9.07 -28.98 -30.82
CA THR D 177 -8.68 -29.60 -29.57
C THR D 177 -7.39 -28.91 -29.11
N LEU D 178 -7.02 -29.11 -27.87
CA LEU D 178 -5.89 -28.38 -27.34
C LEU D 178 -4.98 -29.24 -26.46
N HIS D 179 -5.27 -29.35 -25.17
CA HIS D 179 -4.28 -29.78 -24.21
C HIS D 179 -4.68 -31.15 -23.68
N GLU D 180 -4.49 -32.17 -24.52
CA GLU D 180 -4.81 -33.54 -24.20
C GLU D 180 -3.98 -34.43 -25.12
N SER D 181 -3.92 -35.72 -24.81
CA SER D 181 -3.23 -36.69 -25.64
C SER D 181 -3.85 -36.66 -27.04
N VAL D 182 -3.00 -36.93 -28.03
CA VAL D 182 -3.41 -36.95 -29.42
C VAL D 182 -4.56 -37.92 -29.56
N ARG D 183 -4.44 -39.09 -28.90
CA ARG D 183 -5.45 -40.12 -29.00
C ARG D 183 -6.75 -39.54 -28.44
N SER D 184 -6.66 -38.90 -27.28
CA SER D 184 -7.83 -38.33 -26.64
C SER D 184 -8.47 -37.28 -27.54
N ALA D 185 -7.66 -36.44 -28.18
CA ALA D 185 -8.18 -35.42 -29.09
C ALA D 185 -8.96 -36.07 -30.25
N LEU D 186 -8.35 -37.10 -30.86
CA LEU D 186 -8.97 -37.80 -31.98
C LEU D 186 -10.31 -38.41 -31.55
N GLU D 187 -10.36 -38.97 -30.34
CA GLU D 187 -11.58 -39.55 -29.80
C GLU D 187 -12.66 -38.48 -29.64
N ARG D 188 -12.26 -37.24 -29.35
CA ARG D 188 -13.20 -36.14 -29.09
C ARG D 188 -13.73 -35.52 -30.39
N LEU D 189 -12.97 -35.62 -31.48
CA LEU D 189 -13.26 -34.87 -32.69
C LEU D 189 -14.61 -35.31 -33.28
N SER D 190 -15.36 -34.35 -33.83
CA SER D 190 -16.65 -34.62 -34.45
C SER D 190 -17.00 -33.47 -35.39
N PRO D 191 -17.90 -33.66 -36.37
CA PRO D 191 -18.28 -32.56 -37.25
C PRO D 191 -18.70 -31.32 -36.46
N GLN D 192 -19.55 -31.52 -35.44
CA GLN D 192 -20.11 -30.39 -34.69
C GLN D 192 -18.99 -29.63 -33.95
N LEU D 193 -18.01 -30.34 -33.41
CA LEU D 193 -16.95 -29.69 -32.64
C LEU D 193 -16.14 -28.78 -33.57
N VAL D 194 -15.89 -29.25 -34.80
CA VAL D 194 -15.17 -28.45 -35.77
C VAL D 194 -15.99 -27.22 -36.15
N ILE D 195 -17.29 -27.42 -36.40
CA ILE D 195 -18.15 -26.33 -36.79
C ILE D 195 -18.18 -25.27 -35.68
N ASN D 196 -18.21 -25.70 -34.41
CA ASN D 196 -18.20 -24.77 -33.28
C ASN D 196 -16.91 -23.96 -33.27
N ALA D 197 -15.77 -24.62 -33.45
CA ALA D 197 -14.46 -23.99 -33.42
C ALA D 197 -14.39 -22.90 -34.47
N VAL D 198 -14.89 -23.21 -35.68
CA VAL D 198 -14.87 -22.26 -36.78
C VAL D 198 -15.80 -21.09 -36.50
N ASP D 199 -17.01 -21.40 -36.00
CA ASP D 199 -17.99 -20.36 -35.70
C ASP D 199 -17.38 -19.36 -34.74
N ALA D 200 -16.70 -19.87 -33.70
CA ALA D 200 -16.06 -19.01 -32.71
C ALA D 200 -14.96 -18.17 -33.38
N ALA D 201 -14.14 -18.81 -34.21
CA ALA D 201 -12.98 -18.15 -34.79
C ALA D 201 -13.42 -17.09 -35.80
N VAL D 202 -14.51 -17.36 -36.53
CA VAL D 202 -15.00 -16.46 -37.58
C VAL D 202 -15.54 -15.18 -36.95
N GLN D 203 -16.35 -15.30 -35.89
CA GLN D 203 -16.78 -14.13 -35.13
C GLN D 203 -15.57 -13.35 -34.61
N THR D 204 -14.56 -14.03 -34.09
CA THR D 204 -13.35 -13.38 -33.62
C THR D 204 -12.66 -12.65 -34.77
N CYS D 205 -12.69 -13.19 -35.99
CA CYS D 205 -12.09 -12.54 -37.16
C CYS D 205 -12.80 -11.20 -37.42
N THR D 206 -14.11 -11.12 -37.14
CA THR D 206 -14.85 -9.87 -37.31
C THR D 206 -14.22 -8.81 -36.40
N LEU D 207 -14.02 -9.15 -35.12
CA LEU D 207 -13.42 -8.29 -34.13
C LEU D 207 -12.03 -7.84 -34.61
N LEU D 208 -11.28 -8.75 -35.19
CA LEU D 208 -9.86 -8.52 -35.53
C LEU D 208 -9.73 -7.66 -36.77
N GLY D 209 -10.84 -7.42 -37.47
CA GLY D 209 -10.88 -6.52 -38.62
C GLY D 209 -10.93 -7.29 -39.94
N VAL D 210 -11.56 -8.47 -39.94
CA VAL D 210 -11.66 -9.31 -41.13
C VAL D 210 -13.09 -9.86 -41.17
N PRO D 211 -14.06 -9.05 -41.65
CA PRO D 211 -15.47 -9.46 -41.63
C PRO D 211 -15.76 -10.75 -42.38
N LYS D 212 -15.20 -10.90 -43.59
CA LYS D 212 -15.47 -12.04 -44.44
C LYS D 212 -14.16 -12.78 -44.70
N PRO D 213 -13.71 -13.65 -43.78
CA PRO D 213 -12.43 -14.33 -43.93
C PRO D 213 -12.48 -15.51 -44.92
N GLN D 214 -11.32 -15.80 -45.52
CA GLN D 214 -11.12 -17.03 -46.27
C GLN D 214 -10.56 -18.08 -45.32
N VAL D 215 -11.26 -19.22 -45.19
CA VAL D 215 -10.95 -20.23 -44.18
C VAL D 215 -10.31 -21.46 -44.85
N ALA D 216 -9.36 -22.08 -44.14
CA ALA D 216 -8.83 -23.38 -44.54
C ALA D 216 -8.82 -24.32 -43.34
N VAL D 217 -9.29 -25.56 -43.58
CA VAL D 217 -9.38 -26.56 -42.53
C VAL D 217 -8.26 -27.58 -42.73
N PHE D 218 -7.49 -27.82 -41.66
CA PHE D 218 -6.45 -28.84 -41.67
C PHE D 218 -7.07 -30.22 -41.68
N GLY D 219 -6.33 -31.17 -42.28
CA GLY D 219 -6.64 -32.59 -42.23
C GLY D 219 -6.25 -33.14 -40.86
N ILE D 220 -7.11 -34.05 -40.37
CA ILE D 220 -6.81 -34.85 -39.19
C ILE D 220 -5.60 -35.72 -39.51
N ASN D 221 -5.74 -36.48 -40.59
CA ASN D 221 -4.69 -37.37 -41.04
C ASN D 221 -3.78 -36.66 -42.03
N PRO D 222 -2.54 -37.16 -42.21
CA PRO D 222 -1.66 -36.67 -43.26
C PRO D 222 -2.37 -36.53 -44.60
N HIS D 223 -2.15 -35.39 -45.27
CA HIS D 223 -2.74 -35.12 -46.58
C HIS D 223 -4.27 -35.21 -46.49
N ALA D 224 -4.87 -34.89 -45.34
CA ALA D 224 -6.31 -34.98 -45.17
C ALA D 224 -6.83 -36.38 -45.51
N SER D 225 -6.01 -37.41 -45.22
CA SER D 225 -6.39 -38.79 -45.37
C SER D 225 -6.22 -39.32 -46.80
N GLU D 226 -6.03 -38.44 -47.78
CA GLU D 226 -5.68 -38.81 -49.15
C GLU D 226 -6.81 -39.63 -49.75
N GLY D 227 -7.97 -38.96 -49.93
CA GLY D 227 -9.24 -39.65 -50.06
C GLY D 227 -9.59 -40.31 -48.74
N GLN D 228 -9.34 -41.63 -48.68
CA GLN D 228 -9.48 -42.42 -47.46
C GLN D 228 -8.31 -43.37 -47.30
N LEU D 229 -7.22 -43.09 -48.00
CA LEU D 229 -6.07 -43.98 -48.07
C LEU D 229 -5.32 -44.02 -46.75
N PHE D 230 -5.27 -42.88 -46.05
CA PHE D 230 -4.58 -42.75 -44.79
C PHE D 230 -5.59 -42.45 -43.68
N GLY D 231 -6.76 -43.10 -43.75
CA GLY D 231 -7.73 -43.03 -42.66
C GLY D 231 -9.13 -42.61 -43.13
N LEU D 232 -10.13 -42.94 -42.33
CA LEU D 232 -11.51 -42.56 -42.60
C LEU D 232 -11.88 -41.27 -41.87
N GLU D 233 -11.00 -40.79 -40.97
CA GLU D 233 -11.37 -39.74 -40.04
C GLU D 233 -11.79 -38.47 -40.78
N ASP D 234 -11.03 -38.09 -41.81
CA ASP D 234 -11.33 -36.85 -42.52
C ASP D 234 -12.66 -36.97 -43.26
N SER D 235 -12.98 -38.16 -43.79
CA SER D 235 -14.25 -38.34 -44.47
C SER D 235 -15.42 -38.32 -43.47
N GLN D 236 -15.16 -38.62 -42.19
CA GLN D 236 -16.23 -38.70 -41.20
C GLN D 236 -16.45 -37.35 -40.51
N ILE D 237 -15.39 -36.51 -40.43
CA ILE D 237 -15.36 -35.40 -39.49
C ILE D 237 -15.18 -34.09 -40.24
N THR D 238 -14.04 -33.93 -40.92
CA THR D 238 -13.67 -32.64 -41.49
C THR D 238 -14.44 -32.37 -42.79
N VAL D 239 -14.73 -33.42 -43.56
CA VAL D 239 -15.39 -33.23 -44.85
C VAL D 239 -16.83 -32.81 -44.60
N PRO D 240 -17.62 -33.54 -43.79
CA PRO D 240 -18.98 -33.10 -43.42
C PRO D 240 -19.00 -31.67 -42.90
N ALA D 241 -18.06 -31.36 -42.00
CA ALA D 241 -17.99 -30.05 -41.36
C ALA D 241 -17.86 -28.94 -42.40
N VAL D 242 -17.00 -29.16 -43.41
CA VAL D 242 -16.74 -28.16 -44.44
C VAL D 242 -18.00 -27.96 -45.28
N GLU D 243 -18.70 -29.05 -45.59
CA GLU D 243 -19.87 -28.96 -46.46
C GLU D 243 -21.00 -28.18 -45.77
N THR D 244 -21.11 -28.33 -44.44
CA THR D 244 -22.11 -27.60 -43.68
C THR D 244 -21.76 -26.11 -43.67
N LEU D 245 -20.49 -25.81 -43.33
CA LEU D 245 -20.00 -24.44 -43.27
C LEU D 245 -20.19 -23.74 -44.63
N ARG D 246 -20.04 -24.48 -45.73
CA ARG D 246 -20.25 -23.91 -47.06
C ARG D 246 -21.72 -23.58 -47.30
N LYS D 247 -22.60 -24.51 -46.89
CA LYS D 247 -24.04 -24.34 -47.11
C LYS D 247 -24.61 -23.21 -46.26
N ARG D 248 -23.87 -22.80 -45.22
CA ARG D 248 -24.27 -21.71 -44.33
C ARG D 248 -23.64 -20.40 -44.79
N GLY D 249 -22.85 -20.44 -45.87
CA GLY D 249 -22.43 -19.25 -46.58
C GLY D 249 -20.96 -18.90 -46.36
N LEU D 250 -20.21 -19.75 -45.66
CA LEU D 250 -18.80 -19.49 -45.42
C LEU D 250 -17.97 -19.96 -46.61
N THR D 251 -16.88 -19.23 -46.88
CA THR D 251 -15.88 -19.61 -47.86
C THR D 251 -14.80 -20.46 -47.19
N VAL D 252 -14.87 -21.78 -47.39
CA VAL D 252 -14.04 -22.73 -46.67
C VAL D 252 -13.38 -23.69 -47.65
N ASP D 253 -12.04 -23.75 -47.64
CA ASP D 253 -11.31 -24.75 -48.40
C ASP D 253 -10.91 -25.89 -47.47
N GLY D 254 -10.85 -27.11 -48.01
CA GLY D 254 -10.25 -28.24 -47.29
C GLY D 254 -11.28 -29.35 -47.07
N PRO D 255 -11.00 -30.37 -46.23
CA PRO D 255 -9.75 -30.49 -45.48
C PRO D 255 -8.56 -30.71 -46.41
N MET D 256 -7.46 -30.02 -46.12
CA MET D 256 -6.21 -30.20 -46.83
C MET D 256 -5.10 -30.45 -45.82
N GLY D 257 -4.01 -31.05 -46.29
CA GLY D 257 -2.86 -31.31 -45.45
C GLY D 257 -2.35 -30.02 -44.85
N ALA D 258 -2.25 -29.99 -43.50
CA ALA D 258 -1.81 -28.81 -42.78
C ALA D 258 -0.56 -28.20 -43.41
N ASP D 259 0.41 -29.07 -43.67
CA ASP D 259 1.70 -28.67 -44.19
C ASP D 259 1.55 -27.89 -45.50
N MET D 260 0.70 -28.39 -46.39
CA MET D 260 0.56 -27.85 -47.73
C MET D 260 -0.13 -26.49 -47.66
N VAL D 261 -1.29 -26.43 -46.98
CA VAL D 261 -2.12 -25.24 -47.02
C VAL D 261 -1.37 -24.07 -46.40
N LEU D 262 -0.71 -24.32 -45.27
CA LEU D 262 -0.01 -23.26 -44.55
C LEU D 262 1.02 -22.62 -45.47
N ALA D 263 1.72 -23.43 -46.26
CA ALA D 263 2.80 -22.94 -47.10
C ALA D 263 2.27 -22.01 -48.18
N GLN D 264 0.98 -22.15 -48.54
CA GLN D 264 0.38 -21.32 -49.58
C GLN D 264 0.15 -19.89 -49.08
N ARG D 265 -0.27 -19.74 -47.81
CA ARG D 265 -0.47 -18.43 -47.19
C ARG D 265 -1.44 -17.59 -48.01
N LYS D 266 -2.60 -18.16 -48.33
CA LYS D 266 -3.63 -17.47 -49.09
C LYS D 266 -4.94 -17.43 -48.29
N HIS D 267 -4.87 -17.69 -46.97
CA HIS D 267 -6.07 -17.73 -46.14
C HIS D 267 -5.92 -16.83 -44.92
N ASP D 268 -7.06 -16.43 -44.36
CA ASP D 268 -7.11 -15.50 -43.24
C ASP D 268 -7.23 -16.29 -41.94
N LEU D 269 -7.89 -17.44 -42.00
CA LEU D 269 -8.03 -18.29 -40.84
C LEU D 269 -7.67 -19.74 -41.18
N TYR D 270 -6.94 -20.42 -40.29
CA TYR D 270 -6.68 -21.84 -40.42
C TYR D 270 -7.23 -22.58 -39.19
N VAL D 271 -7.69 -23.81 -39.42
CA VAL D 271 -8.39 -24.56 -38.40
C VAL D 271 -7.60 -25.84 -38.12
N ALA D 272 -6.77 -25.79 -37.07
CA ALA D 272 -5.94 -26.93 -36.69
C ALA D 272 -6.80 -27.94 -35.95
N MET D 273 -6.52 -29.22 -36.17
CA MET D 273 -7.25 -30.28 -35.49
C MET D 273 -6.58 -30.63 -34.15
N LEU D 274 -5.26 -30.40 -34.07
CA LEU D 274 -4.47 -30.77 -32.90
C LEU D 274 -3.51 -29.64 -32.53
N HIS D 275 -3.20 -29.55 -31.24
CA HIS D 275 -2.31 -28.55 -30.66
C HIS D 275 -1.12 -28.28 -31.58
N ASP D 276 -0.34 -29.32 -31.89
CA ASP D 276 0.97 -29.13 -32.49
C ASP D 276 0.85 -28.60 -33.92
N GLN D 277 -0.23 -28.98 -34.62
CA GLN D 277 -0.42 -28.52 -35.97
C GLN D 277 -0.42 -27.00 -36.06
N GLY D 278 -1.05 -26.35 -35.08
CA GLY D 278 -1.17 -24.90 -35.09
C GLY D 278 -0.04 -24.20 -34.31
N HIS D 279 0.51 -24.89 -33.29
CA HIS D 279 1.47 -24.27 -32.40
C HIS D 279 2.84 -24.20 -33.06
N ILE D 280 3.22 -25.26 -33.80
CA ILE D 280 4.54 -25.34 -34.43
C ILE D 280 4.77 -24.15 -35.35
N PRO D 281 3.87 -23.88 -36.35
CA PRO D 281 4.08 -22.77 -37.26
C PRO D 281 4.21 -21.43 -36.56
N ILE D 282 3.26 -21.13 -35.66
CA ILE D 282 3.20 -19.83 -35.00
C ILE D 282 4.51 -19.56 -34.28
N LYS D 283 4.98 -20.52 -33.48
CA LYS D 283 6.17 -20.31 -32.67
C LYS D 283 7.41 -20.21 -33.54
N LEU D 284 7.39 -20.88 -34.69
CA LEU D 284 8.54 -20.88 -35.59
C LEU D 284 8.70 -19.51 -36.26
N LEU D 285 7.59 -18.95 -36.77
CA LEU D 285 7.62 -17.68 -37.46
C LEU D 285 7.57 -16.50 -36.49
N ALA D 286 7.04 -16.70 -35.27
CA ALA D 286 6.89 -15.60 -34.33
C ALA D 286 7.24 -16.08 -32.92
N PRO D 287 8.54 -16.31 -32.62
CA PRO D 287 8.95 -16.65 -31.25
C PRO D 287 8.78 -15.51 -30.25
N ASN D 288 8.46 -14.31 -30.76
CA ASN D 288 7.90 -13.21 -29.99
C ASN D 288 6.96 -12.44 -30.91
N GLY D 289 5.97 -11.79 -30.30
CA GLY D 289 4.99 -11.01 -31.05
C GLY D 289 3.85 -11.90 -31.55
N ALA D 290 3.51 -12.92 -30.74
CA ALA D 290 2.37 -13.78 -31.03
C ALA D 290 1.33 -13.63 -29.93
N SER D 291 0.05 -13.54 -30.33
CA SER D 291 -1.03 -13.40 -29.38
C SER D 291 -1.74 -14.73 -29.20
N ALA D 292 -2.20 -14.99 -27.97
CA ALA D 292 -3.03 -16.15 -27.65
C ALA D 292 -4.41 -15.67 -27.21
N LEU D 293 -5.44 -16.01 -28.01
CA LEU D 293 -6.80 -15.53 -27.79
C LEU D 293 -7.69 -16.70 -27.38
N SER D 294 -8.22 -16.63 -26.15
CA SER D 294 -9.21 -17.58 -25.68
C SER D 294 -10.57 -17.03 -26.02
N ILE D 295 -11.41 -17.84 -26.69
CA ILE D 295 -12.69 -17.39 -27.19
C ILE D 295 -13.77 -18.36 -26.73
N GLY D 296 -14.80 -17.80 -26.08
CA GLY D 296 -15.90 -18.55 -25.49
C GLY D 296 -17.12 -17.64 -25.32
N GLY D 297 -18.28 -18.10 -25.80
CA GLY D 297 -19.46 -17.25 -25.91
C GLY D 297 -19.10 -16.03 -26.75
N ARG D 298 -19.43 -14.83 -26.27
CA ARG D 298 -19.04 -13.62 -26.99
C ARG D 298 -17.68 -13.12 -26.51
N VAL D 299 -16.97 -13.84 -25.63
CA VAL D 299 -15.80 -13.28 -24.98
C VAL D 299 -14.52 -13.68 -25.74
N VAL D 300 -13.73 -12.66 -26.08
CA VAL D 300 -12.38 -12.81 -26.62
C VAL D 300 -11.41 -12.29 -25.57
N LEU D 301 -10.48 -13.15 -25.11
CA LEU D 301 -9.52 -12.78 -24.08
C LEU D 301 -8.11 -13.07 -24.59
N SER D 302 -7.20 -12.11 -24.47
CA SER D 302 -5.80 -12.31 -24.78
C SER D 302 -4.94 -12.04 -23.54
N SER D 303 -3.93 -12.86 -23.35
CA SER D 303 -2.83 -12.58 -22.43
C SER D 303 -1.91 -11.55 -23.07
N VAL D 304 -0.89 -11.14 -22.31
CA VAL D 304 0.29 -10.50 -22.86
C VAL D 304 1.39 -11.57 -22.91
N GLY D 305 2.34 -11.47 -23.83
CA GLY D 305 3.22 -12.62 -24.09
C GLY D 305 4.29 -12.87 -23.03
N HIS D 306 4.26 -12.14 -21.90
CA HIS D 306 5.34 -12.20 -20.93
C HIS D 306 4.82 -12.38 -19.51
N GLY D 307 5.72 -12.68 -18.58
CA GLY D 307 5.43 -12.88 -17.17
C GLY D 307 5.48 -11.58 -16.37
N SER D 308 5.28 -11.71 -15.06
CA SER D 308 5.04 -10.58 -14.16
C SER D 308 6.33 -9.87 -13.79
N ALA D 309 7.48 -10.53 -14.01
CA ALA D 309 8.79 -9.90 -13.91
C ALA D 309 9.01 -9.32 -12.52
N MET D 310 8.93 -10.18 -11.49
CA MET D 310 9.05 -9.73 -10.12
C MET D 310 10.43 -9.09 -9.89
N ASP D 311 11.47 -9.52 -10.64
CA ASP D 311 12.80 -8.93 -10.51
C ASP D 311 12.80 -7.41 -10.75
N ILE D 312 11.90 -6.91 -11.60
CA ILE D 312 11.90 -5.49 -11.97
C ILE D 312 10.67 -4.77 -11.44
N ALA D 313 9.76 -5.50 -10.76
CA ALA D 313 8.46 -4.94 -10.42
C ALA D 313 8.65 -3.67 -9.59
N GLY D 314 8.14 -2.55 -10.10
CA GLY D 314 8.14 -1.29 -9.40
C GLY D 314 9.51 -0.61 -9.39
N ARG D 315 10.41 -0.99 -10.30
CA ARG D 315 11.67 -0.30 -10.52
C ARG D 315 11.58 0.54 -11.80
N GLY D 316 10.41 0.54 -12.45
CA GLY D 316 10.12 1.49 -13.51
C GLY D 316 10.92 1.20 -14.79
N VAL D 317 11.15 -0.08 -15.08
CA VAL D 317 11.96 -0.48 -16.23
C VAL D 317 11.14 -1.29 -17.24
N ALA D 318 9.85 -1.50 -16.98
CA ALA D 318 9.04 -2.34 -17.85
C ALA D 318 8.55 -1.57 -19.07
N ASP D 319 8.67 -2.18 -20.25
CA ASP D 319 8.16 -1.62 -21.50
C ASP D 319 6.71 -2.07 -21.64
N ALA D 320 5.83 -1.26 -22.27
CA ALA D 320 4.46 -1.68 -22.48
C ALA D 320 4.16 -1.93 -23.96
N THR D 321 5.20 -2.23 -24.75
CA THR D 321 5.07 -2.49 -26.16
C THR D 321 4.18 -3.71 -26.40
N ALA D 322 4.47 -4.80 -25.70
CA ALA D 322 3.72 -6.04 -25.85
C ALA D 322 2.22 -5.84 -25.58
N LEU D 323 1.90 -5.16 -24.46
CA LEU D 323 0.52 -4.85 -24.12
C LEU D 323 -0.12 -3.99 -25.22
N LEU D 324 0.59 -2.95 -25.67
CA LEU D 324 0.09 -2.03 -26.67
C LEU D 324 -0.22 -2.78 -27.96
N ARG D 325 0.63 -3.75 -28.32
CA ARG D 325 0.44 -4.55 -29.52
C ARG D 325 -0.82 -5.43 -29.40
N THR D 326 -1.04 -5.93 -28.18
CA THR D 326 -2.20 -6.73 -27.85
C THR D 326 -3.49 -5.90 -27.95
N ILE D 327 -3.41 -4.64 -27.54
CA ILE D 327 -4.52 -3.70 -27.64
C ILE D 327 -4.80 -3.38 -29.12
N ALA D 328 -3.74 -3.20 -29.92
CA ALA D 328 -3.87 -2.95 -31.36
C ALA D 328 -4.57 -4.12 -32.05
N LEU D 329 -4.31 -5.35 -31.59
CA LEU D 329 -4.86 -6.53 -32.21
C LEU D 329 -6.36 -6.66 -31.93
N LEU D 330 -6.73 -6.64 -30.64
CA LEU D 330 -8.12 -6.73 -30.26
C LEU D 330 -8.90 -5.44 -30.56
N GLY D 331 -8.18 -4.37 -30.89
CA GLY D 331 -8.80 -3.06 -31.08
C GLY D 331 -9.02 -2.71 -32.55
N ALA D 332 -8.66 -3.62 -33.47
CA ALA D 332 -8.55 -3.28 -34.89
C ALA D 332 -9.86 -2.75 -35.46
N GLN D 333 -9.75 -1.88 -36.48
CA GLN D 333 -10.93 -1.28 -37.10
C GLN D 333 -11.67 -2.38 -37.86
N PRO D 334 -13.01 -2.44 -37.80
CA PRO D 334 -13.87 -3.46 -38.41
C PRO D 334 -13.51 -3.82 -39.81
C CO2 E . -24.78 -0.05 13.59
O1 CO2 E . -23.73 0.42 13.34
O2 CO2 E . -25.83 -0.57 13.84
OAA GTQ F . -26.21 0.91 21.13
OAB GTQ F . -25.14 2.88 21.48
OAC GTQ F . -22.20 1.43 17.22
OAD GTQ F . -27.37 2.31 18.66
CAE GTQ F . -24.49 1.78 16.60
CAF GTQ F . -25.81 2.02 16.96
CAG GTQ F . -23.86 1.70 18.92
CAH GTQ F . -25.54 1.93 20.75
CAI GTQ F . -23.50 1.63 17.58
CAJ GTQ F . -26.18 2.09 18.34
CAK GTQ F . -25.18 1.92 19.30
HOAC GTQ F . -22.11 1.40 16.39
HAE GTQ F . -24.26 1.77 15.69
HAF GTQ F . -26.46 2.15 16.31
HAG GTQ F . -23.20 1.57 19.59
ZN ZN G . -24.76 4.34 20.30
ZN ZN H . 23.06 -3.13 2.25
OAA GTQ I . 2.31 -24.87 -25.80
OAB GTQ I . 2.16 -22.72 -26.38
OAC GTQ I . 1.05 -23.54 -20.93
OAD GTQ I . -0.54 -22.45 -26.03
CAE GTQ I . -0.61 -22.62 -22.44
CAF GTQ I . -1.00 -22.33 -23.74
CAG GTQ I . 1.39 -23.62 -23.25
CAH GTQ I . 1.89 -23.69 -25.67
CAI GTQ I . 0.58 -23.28 -22.18
CAJ GTQ I . -0.20 -22.70 -24.85
CAK GTQ I . 1.00 -23.34 -24.55
HOAC GTQ I . 0.46 -23.30 -20.34
HAE GTQ I . -1.17 -22.38 -21.73
HAF GTQ I . -1.82 -21.92 -23.90
HAG GTQ I . 2.22 -24.03 -23.09
C CO2 J . -15.90 1.30 -21.28
O1 CO2 J . -15.11 1.74 -22.01
O2 CO2 J . -16.68 0.84 -20.52
C1 EDO K . -3.10 -9.83 -37.24
O1 EDO K . -4.48 -10.16 -37.12
C2 EDO K . -2.25 -10.88 -37.91
O2 EDO K . -1.00 -11.14 -37.28
H11 EDO K . -2.73 -9.67 -36.35
H12 EDO K . -3.01 -8.99 -37.76
HO1 EDO K . -4.88 -9.53 -36.74
H21 EDO K . -2.09 -10.59 -38.84
H22 EDO K . -2.77 -11.71 -37.95
HO2 EDO K . -0.59 -11.74 -37.72
C1 EDO L . 4.59 -16.77 -13.54
O1 EDO L . 3.53 -17.14 -14.41
C2 EDO L . 5.48 -15.68 -14.07
O2 EDO L . 5.03 -14.38 -13.76
H11 EDO L . 5.15 -17.56 -13.38
H12 EDO L . 4.23 -16.48 -12.69
HO1 EDO L . 3.08 -17.75 -14.05
H21 EDO L . 5.56 -15.78 -15.04
H22 EDO L . 6.38 -15.80 -13.68
HO2 EDO L . 5.58 -13.82 -14.08
ZN ZN M . 0.06 -25.70 -25.17
CL CL N . -13.32 -8.43 -6.11
#